data_9BNS
#
_entry.id   9BNS
#
_cell.length_a   175.900
_cell.length_b   175.900
_cell.length_c   205.990
_cell.angle_alpha   90.000
_cell.angle_beta   90.000
_cell.angle_gamma   120.000
#
_symmetry.space_group_name_H-M   'P 65 2 2'
#
loop_
_entity.id
_entity.type
_entity.pdbx_description
1 polymer 'MPER peptide'
2 polymer 'ITS114 Heavy Chain'
3 polymer 'ITS114 Light Chain'
#
loop_
_entity_poly.entity_id
_entity_poly.type
_entity_poly.pdbx_seq_one_letter_code
_entity_poly.pdbx_strand_id
1 'polypeptide(L)' RRRNMYELQKLNSWDVFGNWFDLASWIKYIQRRR C,D
2 'polypeptide(L)'
;QVQLQESGPGLLKPSETLSLTCEVSGASISSSNWWNWIRQSPGKGLEWIGTIGGNSGKIASSPSLESRVIMSKDPSKNRF
SLKMTSVTAADTAIYYCTRQEQTLFWVKRFDVWGPGILVSVTSASTKGPSVFPLAPSSESTAALGCLVKDYFPEPVTVSW
NSGSLTSGVHTFPAVLQSSGLYSLSSVVTVPSSSLGTQTYVCNVNHKPSNTKVDKRVEIKAA
;
H,A
3 'polypeptide(L)'
;AIQMTQSPSSLSASVGDRVTITCRASQGISSYLAWYQQRPGKAPRPLIDSASTLESGVPSRFSGSGSGTEFTLTISSLQP
EDFAIYYCQQYYSDPFTFGPGTELEIYRTVAAPSVFIFPPSDEQLKSGTASVVCLLNNFYPREAKVQWKVDNALQSGNSQ
ESVTEQDSKDSTYSLSSTLTLSKADYEKHKVYACEVTHQGLSSPVTKSFNRGEC
;
L,B
#
# COMPACT_ATOMS: atom_id res chain seq x y z
N LEU A 8 38.05 -26.13 6.60
CA LEU A 8 37.67 -25.98 5.20
C LEU A 8 36.61 -24.90 5.03
N GLN A 9 36.36 -24.50 3.79
CA GLN A 9 35.36 -23.48 3.50
C GLN A 9 33.97 -24.06 3.68
N LYS A 10 33.20 -23.48 4.60
CA LYS A 10 31.87 -23.97 4.94
C LYS A 10 30.86 -22.84 4.81
N LEU A 11 29.60 -23.15 5.12
CA LEU A 11 28.55 -22.15 5.11
C LEU A 11 28.65 -21.29 6.36
N ASN A 12 28.89 -20.00 6.19
CA ASN A 12 29.12 -19.07 7.29
C ASN A 12 28.05 -17.99 7.29
N SER A 13 28.19 -17.06 8.24
CA SER A 13 27.18 -16.02 8.42
C SER A 13 27.20 -14.99 7.30
N TRP A 14 28.37 -14.73 6.71
CA TRP A 14 28.41 -13.83 5.55
C TRP A 14 27.50 -14.36 4.44
N ASP A 15 27.54 -15.66 4.19
CA ASP A 15 26.66 -16.25 3.18
C ASP A 15 25.21 -16.04 3.54
N VAL A 16 24.84 -16.30 4.80
CA VAL A 16 23.45 -16.16 5.20
C VAL A 16 23.02 -14.69 5.15
N PHE A 17 23.86 -13.80 5.69
CA PHE A 17 23.56 -12.37 5.60
C PHE A 17 23.39 -11.94 4.15
N GLY A 18 24.16 -12.55 3.25
CA GLY A 18 24.01 -12.24 1.84
C GLY A 18 22.70 -12.72 1.28
N ASN A 19 22.10 -13.76 1.88
CA ASN A 19 20.82 -14.25 1.43
C ASN A 19 19.67 -13.29 1.72
N TRP A 20 19.96 -12.14 2.35
CA TRP A 20 18.98 -11.07 2.51
C TRP A 20 18.83 -10.24 1.25
N PHE A 21 19.72 -10.37 0.28
CA PHE A 21 19.69 -9.57 -0.93
C PHE A 21 19.74 -10.48 -2.15
N ASP A 22 18.94 -10.14 -3.16
CA ASP A 22 18.94 -10.84 -4.44
C ASP A 22 19.79 -10.01 -5.40
N LEU A 23 21.11 -10.27 -5.40
CA LEU A 23 22.00 -9.50 -6.26
C LEU A 23 21.86 -9.88 -7.73
N ALA A 24 21.54 -11.14 -8.02
CA ALA A 24 21.46 -11.58 -9.41
C ALA A 24 20.45 -10.74 -10.19
N SER A 25 19.22 -10.64 -9.69
CA SER A 25 18.17 -9.94 -10.43
C SER A 25 18.57 -8.52 -10.77
N TRP A 26 19.22 -7.83 -9.82
CA TRP A 26 19.59 -6.43 -10.02
CA TRP A 26 19.59 -6.43 -10.02
C TRP A 26 20.88 -6.27 -10.80
N ILE A 27 21.76 -7.28 -10.79
CA ILE A 27 22.91 -7.25 -11.70
C ILE A 27 22.41 -7.40 -13.14
N LYS A 28 21.33 -8.15 -13.34
CA LYS A 28 20.72 -8.23 -14.67
C LYS A 28 20.14 -6.88 -15.08
N TYR A 29 19.45 -6.20 -14.15
CA TYR A 29 19.00 -4.84 -14.40
C TYR A 29 20.14 -3.98 -14.89
N ILE A 30 21.36 -4.23 -14.42
CA ILE A 30 22.51 -3.46 -14.86
C ILE A 30 22.89 -3.84 -16.28
N GLN A 31 23.02 -5.15 -16.55
CA GLN A 31 23.41 -5.60 -17.87
C GLN A 31 22.47 -5.09 -18.97
N ARG A 32 21.26 -4.67 -18.60
CA ARG A 32 20.33 -4.10 -19.57
C ARG A 32 20.76 -2.69 -19.95
N GLN B 1 1.39 -19.77 5.46
CA GLN B 1 1.39 -21.25 5.55
C GLN B 1 2.15 -21.87 4.38
N VAL B 2 3.46 -22.01 4.54
CA VAL B 2 4.29 -22.59 3.50
C VAL B 2 3.99 -24.08 3.38
N GLN B 3 3.88 -24.56 2.15
CA GLN B 3 3.57 -25.95 1.86
C GLN B 3 4.51 -26.44 0.77
N LEU B 4 5.20 -27.56 1.03
CA LEU B 4 6.17 -28.13 0.12
C LEU B 4 5.64 -29.45 -0.44
N GLN B 5 5.91 -29.70 -1.72
CA GLN B 5 5.43 -30.90 -2.39
C GLN B 5 6.52 -31.41 -3.32
N GLU B 6 7.09 -32.57 -2.98
CA GLU B 6 8.06 -33.18 -3.87
C GLU B 6 7.38 -33.71 -5.13
N SER B 7 8.18 -33.92 -6.16
CA SER B 7 7.69 -34.52 -7.40
C SER B 7 8.81 -35.37 -8.01
N GLY B 8 8.76 -35.56 -9.33
CA GLY B 8 9.78 -36.33 -10.01
C GLY B 8 9.49 -37.82 -9.98
N PRO B 9 10.30 -38.59 -10.71
CA PRO B 9 10.05 -40.04 -10.81
C PRO B 9 10.66 -40.85 -9.69
N GLY B 10 9.92 -41.86 -9.25
CA GLY B 10 10.40 -42.79 -8.24
C GLY B 10 10.90 -44.10 -8.83
N LEU B 11 11.15 -44.10 -10.14
CA LEU B 11 11.66 -45.26 -10.86
C LEU B 11 13.03 -44.91 -11.42
N LEU B 12 14.07 -45.63 -10.96
CA LEU B 12 15.43 -45.29 -11.30
C LEU B 12 16.20 -46.56 -11.63
N LYS B 13 17.31 -46.39 -12.39
CA LYS B 13 18.23 -47.46 -12.74
C LYS B 13 19.58 -47.21 -12.09
N PRO B 14 20.28 -48.27 -11.66
CA PRO B 14 21.54 -48.06 -10.92
C PRO B 14 22.55 -47.25 -11.72
N SER B 15 23.46 -46.63 -10.97
CA SER B 15 24.48 -45.76 -11.55
C SER B 15 23.90 -44.90 -12.66
N GLU B 16 23.13 -43.88 -12.26
CA GLU B 16 22.40 -43.04 -13.22
C GLU B 16 22.22 -41.65 -12.61
N THR B 17 21.03 -41.06 -12.77
CA THR B 17 20.78 -39.74 -12.21
C THR B 17 19.29 -39.58 -12.01
N LEU B 18 18.89 -39.17 -10.80
CA LEU B 18 17.50 -38.85 -10.50
C LEU B 18 17.33 -37.33 -10.44
N SER B 19 16.08 -36.90 -10.62
CA SER B 19 15.75 -35.48 -10.54
C SER B 19 14.43 -35.33 -9.80
N LEU B 20 14.47 -34.61 -8.68
CA LEU B 20 13.28 -34.30 -7.90
C LEU B 20 13.07 -32.79 -7.89
N THR B 21 11.81 -32.39 -7.82
CA THR B 21 11.43 -30.99 -7.78
C THR B 21 10.42 -30.76 -6.67
N CYS B 22 10.62 -29.69 -5.92
CA CYS B 22 9.76 -29.33 -4.80
C CYS B 22 9.01 -28.05 -5.16
N GLU B 23 7.71 -28.17 -5.37
CA GLU B 23 6.87 -26.99 -5.59
C GLU B 23 6.58 -26.32 -4.25
N VAL B 24 6.86 -25.02 -4.17
CA VAL B 24 6.59 -24.23 -2.98
C VAL B 24 5.24 -23.54 -3.16
N SER B 25 4.40 -23.62 -2.14
CA SER B 25 3.02 -23.15 -2.20
C SER B 25 2.70 -22.25 -1.02
N GLY B 26 3.56 -21.27 -0.76
CA GLY B 26 3.31 -20.34 0.33
C GLY B 26 4.24 -19.15 0.40
N ALA B 27 5.38 -19.23 -0.28
CA ALA B 27 6.32 -18.12 -0.30
C ALA B 27 7.15 -18.21 -1.57
N SER B 28 7.72 -17.07 -1.96
CA SER B 28 8.49 -17.01 -3.20
C SER B 28 9.83 -17.73 -3.03
N ILE B 29 10.21 -18.49 -4.06
CA ILE B 29 11.52 -19.15 -4.05
C ILE B 29 12.61 -18.14 -3.81
N SER B 30 12.51 -16.96 -4.44
CA SER B 30 13.52 -15.91 -4.31
C SER B 30 13.20 -15.06 -3.08
N SER B 31 13.41 -15.66 -1.92
CA SER B 31 13.16 -15.01 -0.64
C SER B 31 14.37 -15.23 0.27
N SER B 32 14.32 -14.66 1.46
CA SER B 32 15.37 -14.86 2.45
C SER B 32 15.17 -16.18 3.17
N ASN B 33 14.98 -17.26 2.41
CA ASN B 33 14.81 -18.60 2.94
C ASN B 33 15.89 -19.50 2.37
N TRP B 34 16.01 -20.69 2.97
CA TRP B 34 16.95 -21.71 2.52
C TRP B 34 16.17 -22.97 2.19
N TRP B 35 16.29 -23.44 0.96
CA TRP B 35 15.55 -24.59 0.47
C TRP B 35 16.45 -25.82 0.52
N ASN B 36 16.07 -26.80 1.33
CA ASN B 36 16.89 -27.96 1.62
C ASN B 36 16.24 -29.23 1.11
N TRP B 37 17.06 -30.24 0.88
CA TRP B 37 16.60 -31.60 0.62
C TRP B 37 17.17 -32.51 1.69
N ILE B 38 16.34 -33.46 2.15
CA ILE B 38 16.68 -34.33 3.26
C ILE B 38 16.46 -35.77 2.84
N ARG B 39 17.33 -36.67 3.31
CA ARG B 39 17.33 -38.06 2.91
C ARG B 39 17.13 -38.94 4.14
N GLN B 40 16.23 -39.92 4.04
CA GLN B 40 15.93 -40.81 5.15
C GLN B 40 15.88 -42.25 4.65
N SER B 41 16.82 -43.08 5.10
CA SER B 41 16.80 -44.51 4.92
C SER B 41 16.79 -45.19 6.29
N PRO B 42 16.26 -46.41 6.39
CA PRO B 42 16.22 -47.06 7.71
C PRO B 42 17.60 -47.32 8.29
N GLY B 43 18.54 -47.81 7.50
CA GLY B 43 19.87 -48.08 7.98
C GLY B 43 20.80 -46.88 7.87
N LYS B 44 20.78 -46.21 6.72
CA LYS B 44 21.60 -45.02 6.55
C LYS B 44 21.09 -43.87 7.40
N GLY B 45 19.80 -43.83 7.69
CA GLY B 45 19.25 -42.89 8.64
C GLY B 45 18.78 -41.60 8.01
N LEU B 46 18.38 -40.68 8.89
CA LEU B 46 17.92 -39.35 8.50
C LEU B 46 19.14 -38.47 8.28
N GLU B 47 19.37 -38.09 7.02
CA GLU B 47 20.60 -37.41 6.63
C GLU B 47 20.27 -36.14 5.86
N TRP B 48 20.95 -35.05 6.20
CA TRP B 48 20.91 -33.84 5.39
C TRP B 48 21.84 -33.99 4.20
N ILE B 49 21.39 -33.54 3.03
CA ILE B 49 22.13 -33.70 1.78
C ILE B 49 22.49 -32.36 1.15
N GLY B 50 21.54 -31.43 1.08
CA GLY B 50 21.82 -30.19 0.39
C GLY B 50 20.90 -29.04 0.75
N THR B 51 21.30 -27.85 0.31
CA THR B 51 20.57 -26.62 0.57
C THR B 51 20.98 -25.57 -0.46
N ILE B 52 20.07 -24.63 -0.71
CA ILE B 52 20.35 -23.50 -1.59
C ILE B 52 19.55 -22.29 -1.12
N GLY B 53 20.13 -21.11 -1.26
CA GLY B 53 19.50 -19.89 -0.79
C GLY B 53 18.65 -19.24 -1.85
N GLY B 54 17.43 -18.86 -1.48
CA GLY B 54 16.49 -18.30 -2.43
C GLY B 54 17.00 -17.04 -3.11
N ASN B 55 17.77 -16.23 -2.40
CA ASN B 55 18.29 -14.98 -2.96
C ASN B 55 19.74 -15.11 -3.42
N SER B 56 20.63 -15.54 -2.53
CA SER B 56 22.05 -15.61 -2.87
C SER B 56 22.35 -16.77 -3.82
N GLY B 57 21.53 -17.81 -3.82
CA GLY B 57 21.83 -18.99 -4.61
C GLY B 57 23.03 -19.77 -4.13
N LYS B 58 23.59 -19.42 -2.97
CA LYS B 58 24.71 -20.17 -2.44
C LYS B 58 24.29 -21.60 -2.14
N ILE B 59 25.12 -22.56 -2.56
CA ILE B 59 24.78 -23.97 -2.46
C ILE B 59 25.74 -24.65 -1.51
N ALA B 60 25.22 -25.64 -0.78
CA ALA B 60 26.01 -26.40 0.17
C ALA B 60 25.44 -27.81 0.26
N SER B 61 26.32 -28.80 0.39
CA SER B 61 25.93 -30.20 0.36
C SER B 61 26.67 -30.95 1.47
N SER B 62 26.32 -32.23 1.62
CA SER B 62 27.02 -33.10 2.56
C SER B 62 28.39 -33.49 1.98
N PRO B 63 29.42 -33.55 2.81
CA PRO B 63 30.74 -33.93 2.27
C PRO B 63 30.73 -35.21 1.46
N SER B 64 29.88 -36.17 1.83
CA SER B 64 29.83 -37.44 1.12
C SER B 64 29.22 -37.28 -0.27
N LEU B 65 28.16 -36.49 -0.39
CA LEU B 65 27.40 -36.40 -1.62
C LEU B 65 27.69 -35.14 -2.42
N GLU B 66 28.45 -34.19 -1.88
CA GLU B 66 28.81 -33.00 -2.64
C GLU B 66 29.43 -33.39 -3.98
N SER B 67 30.16 -34.50 -4.02
CA SER B 67 30.81 -34.96 -5.24
C SER B 67 29.82 -35.51 -6.26
N ARG B 68 28.56 -35.74 -5.88
CA ARG B 68 27.60 -36.36 -6.78
C ARG B 68 26.19 -35.82 -6.52
N VAL B 69 26.07 -34.53 -6.21
CA VAL B 69 24.78 -33.91 -5.96
C VAL B 69 24.77 -32.51 -6.56
N ILE B 70 23.58 -32.07 -6.98
CA ILE B 70 23.42 -30.81 -7.69
C ILE B 70 22.12 -30.15 -7.23
N MET B 71 22.18 -28.83 -7.01
CA MET B 71 21.06 -28.05 -6.51
C MET B 71 20.64 -27.05 -7.58
N SER B 72 19.35 -26.71 -7.57
CA SER B 72 18.81 -25.76 -8.55
C SER B 72 17.53 -25.16 -7.99
N LYS B 73 17.15 -24.01 -8.56
CA LYS B 73 15.90 -23.36 -8.18
C LYS B 73 15.34 -22.63 -9.39
N ASP B 74 14.06 -22.87 -9.68
CA ASP B 74 13.34 -22.21 -10.77
C ASP B 74 12.29 -21.28 -10.18
N PRO B 75 12.61 -20.00 -9.96
CA PRO B 75 11.59 -19.10 -9.41
C PRO B 75 10.45 -18.82 -10.37
N SER B 76 10.70 -18.84 -11.67
CA SER B 76 9.62 -18.60 -12.64
C SER B 76 8.49 -19.59 -12.44
N LYS B 77 8.81 -20.84 -12.11
CA LYS B 77 7.83 -21.87 -11.81
C LYS B 77 7.64 -22.07 -10.32
N ASN B 78 8.33 -21.28 -9.49
CA ASN B 78 8.23 -21.36 -8.03
C ASN B 78 8.47 -22.79 -7.55
N ARG B 79 9.60 -23.36 -7.98
CA ARG B 79 10.03 -24.67 -7.52
C ARG B 79 11.53 -24.63 -7.28
N PHE B 80 12.02 -25.62 -6.54
CA PHE B 80 13.45 -25.87 -6.44
C PHE B 80 13.68 -27.37 -6.55
N SER B 81 14.86 -27.74 -7.05
CA SER B 81 15.12 -29.10 -7.48
C SER B 81 16.51 -29.54 -7.01
N LEU B 82 16.69 -30.86 -6.97
CA LEU B 82 18.01 -31.45 -6.75
C LEU B 82 18.15 -32.65 -7.67
N LYS B 83 19.41 -33.00 -7.96
CA LYS B 83 19.71 -34.12 -8.85
C LYS B 83 21.02 -34.76 -8.40
N MET B 84 20.95 -36.03 -8.03
CA MET B 84 22.10 -36.78 -7.53
C MET B 84 22.50 -37.81 -8.57
N THR B 85 23.81 -37.95 -8.80
CA THR B 85 24.35 -38.86 -9.82
C THR B 85 25.00 -40.07 -9.16
N SER B 86 25.46 -41.01 -10.00
CA SER B 86 26.06 -42.25 -9.55
C SER B 86 25.18 -42.92 -8.48
N VAL B 87 23.93 -43.17 -8.86
CA VAL B 87 22.89 -43.55 -7.91
C VAL B 87 23.00 -45.02 -7.52
N THR B 88 23.97 -45.32 -6.66
CA THR B 88 24.03 -46.68 -6.10
C THR B 88 22.71 -46.98 -5.38
N ALA B 89 22.30 -48.25 -5.44
CA ALA B 89 21.03 -48.63 -4.83
C ALA B 89 21.02 -48.39 -3.32
N ALA B 90 22.20 -48.31 -2.69
CA ALA B 90 22.27 -47.95 -1.28
C ALA B 90 21.64 -46.59 -1.01
N ASP B 91 21.59 -45.71 -2.02
CA ASP B 91 20.98 -44.40 -1.86
C ASP B 91 19.46 -44.45 -1.87
N THR B 92 18.86 -45.55 -2.31
CA THR B 92 17.42 -45.71 -2.27
C THR B 92 16.88 -45.29 -0.90
N ALA B 93 15.92 -44.38 -0.89
CA ALA B 93 15.46 -43.79 0.36
C ALA B 93 14.23 -42.94 0.11
N ILE B 94 13.74 -42.33 1.18
CA ILE B 94 12.73 -41.28 1.12
C ILE B 94 13.44 -39.94 1.05
N TYR B 95 12.99 -39.06 0.16
CA TYR B 95 13.59 -37.74 -0.01
C TYR B 95 12.51 -36.69 0.27
N TYR B 96 12.70 -35.93 1.34
CA TYR B 96 11.85 -34.80 1.66
C TYR B 96 12.49 -33.52 1.15
N CYS B 97 11.67 -32.53 0.83
CA CYS B 97 12.12 -31.16 0.64
C CYS B 97 11.65 -30.33 1.81
N THR B 98 12.56 -29.57 2.40
CA THR B 98 12.30 -28.75 3.57
C THR B 98 12.84 -27.36 3.30
N ARG B 99 12.68 -26.46 4.28
CA ARG B 99 13.30 -25.16 4.21
C ARG B 99 13.68 -24.70 5.61
N GLN B 100 14.61 -23.75 5.65
CA GLN B 100 15.01 -23.10 6.88
C GLN B 100 14.78 -21.61 6.74
N GLU B 101 14.02 -21.03 7.67
CA GLU B 101 14.02 -19.58 7.81
C GLU B 101 15.43 -19.17 8.24
N GLN B 102 15.67 -17.88 8.42
CA GLN B 102 17.00 -17.46 8.85
C GLN B 102 16.89 -16.19 9.68
N THR B 103 17.88 -16.01 10.55
CA THR B 103 18.04 -14.76 11.28
C THR B 103 18.92 -13.82 10.45
N LEU B 104 19.48 -12.79 11.08
CA LEU B 104 20.35 -11.89 10.33
C LEU B 104 21.58 -12.62 9.80
N PHE B 105 22.09 -13.59 10.55
CA PHE B 105 23.40 -14.16 10.28
C PHE B 105 23.47 -15.67 10.27
N TRP B 106 22.37 -16.38 10.55
CA TRP B 106 22.41 -17.83 10.54
C TRP B 106 21.02 -18.39 10.28
N VAL B 107 20.98 -19.69 10.00
CA VAL B 107 19.76 -20.39 9.61
C VAL B 107 18.98 -20.81 10.84
N LYS B 108 17.89 -21.55 10.62
CA LYS B 108 17.00 -21.99 11.69
C LYS B 108 16.65 -23.46 11.45
N ARG B 109 15.73 -23.98 12.24
CA ARG B 109 15.32 -25.37 12.11
C ARG B 109 14.63 -25.60 10.76
N PHE B 110 14.31 -26.87 10.51
CA PHE B 110 13.51 -27.26 9.35
C PHE B 110 12.05 -27.17 9.78
N ASP B 111 11.46 -25.97 9.63
CA ASP B 111 10.13 -25.73 10.16
C ASP B 111 9.06 -26.44 9.35
N VAL B 112 9.29 -26.67 8.06
CA VAL B 112 8.30 -27.21 7.17
C VAL B 112 8.93 -28.33 6.34
N TRP B 113 8.17 -29.41 6.15
CA TRP B 113 8.63 -30.56 5.39
C TRP B 113 7.60 -30.91 4.34
N GLY B 114 8.05 -31.60 3.29
CA GLY B 114 7.16 -32.17 2.32
C GLY B 114 6.73 -33.56 2.74
N PRO B 115 5.76 -34.13 2.04
CA PRO B 115 5.29 -35.47 2.41
C PRO B 115 6.37 -36.54 2.31
N GLY B 116 7.41 -36.32 1.49
CA GLY B 116 8.41 -37.34 1.26
C GLY B 116 8.15 -38.08 -0.03
N ILE B 117 9.21 -38.43 -0.75
CA ILE B 117 9.10 -39.10 -2.04
C ILE B 117 9.95 -40.37 -2.00
N LEU B 118 9.36 -41.49 -2.37
CA LEU B 118 10.05 -42.78 -2.36
C LEU B 118 10.62 -43.05 -3.74
N VAL B 119 11.94 -42.92 -3.88
CA VAL B 119 12.65 -43.19 -5.13
C VAL B 119 13.53 -44.40 -4.91
N SER B 120 13.27 -45.47 -5.66
CA SER B 120 14.02 -46.72 -5.55
C SER B 120 14.81 -46.96 -6.83
N VAL B 121 16.01 -47.50 -6.67
CA VAL B 121 16.93 -47.74 -7.79
C VAL B 121 17.00 -49.24 -8.00
N THR B 122 16.30 -49.73 -9.02
CA THR B 122 16.29 -51.15 -9.34
C THR B 122 15.51 -51.39 -10.63
N SER B 123 15.83 -52.46 -11.36
CA SER B 123 15.14 -52.78 -12.60
C SER B 123 14.03 -53.81 -12.32
N ALA B 124 13.00 -53.32 -11.61
CA ALA B 124 11.87 -54.16 -11.25
C ALA B 124 10.71 -53.25 -10.87
N SER B 125 9.56 -53.87 -10.59
CA SER B 125 8.35 -53.15 -10.24
C SER B 125 8.05 -53.30 -8.75
N THR B 126 7.20 -52.40 -8.25
CA THR B 126 6.83 -52.40 -6.84
C THR B 126 5.45 -51.77 -6.66
N ALA C 1 32.14 -32.65 10.21
CA ALA C 1 30.75 -32.86 10.71
C ALA C 1 30.73 -32.88 12.23
N ILE C 2 29.51 -32.90 12.80
CA ILE C 2 29.31 -32.85 14.25
C ILE C 2 28.57 -34.12 14.65
N GLN C 3 29.21 -34.94 15.48
CA GLN C 3 28.62 -36.20 15.91
C GLN C 3 27.45 -35.93 16.83
N MET C 4 26.24 -36.28 16.38
CA MET C 4 25.02 -36.11 17.16
C MET C 4 24.60 -37.47 17.70
N THR C 5 24.50 -37.58 19.03
CA THR C 5 24.12 -38.81 19.68
C THR C 5 22.86 -38.58 20.52
N GLN C 6 22.22 -39.69 20.90
CA GLN C 6 20.93 -39.63 21.57
C GLN C 6 20.80 -40.86 22.46
N SER C 7 20.26 -40.66 23.67
CA SER C 7 20.12 -41.75 24.62
C SER C 7 18.77 -41.63 25.35
N PRO C 8 18.08 -42.76 25.57
CA PRO C 8 18.35 -44.11 25.06
C PRO C 8 17.80 -44.30 23.65
N SER C 9 18.35 -45.21 22.86
CA SER C 9 17.77 -45.53 21.57
C SER C 9 16.41 -46.19 21.70
N SER C 10 16.09 -46.73 22.88
CA SER C 10 14.84 -47.40 23.14
C SER C 10 14.34 -47.01 24.52
N LEU C 11 13.02 -47.03 24.69
CA LEU C 11 12.42 -46.66 25.96
C LEU C 11 10.92 -46.97 25.94
N SER C 12 10.41 -47.59 27.01
CA SER C 12 9.02 -47.96 27.09
C SER C 12 8.42 -47.43 28.39
N ALA C 13 7.31 -46.71 28.27
CA ALA C 13 6.60 -46.19 29.43
C ALA C 13 5.11 -46.28 29.14
N SER C 14 4.29 -45.64 29.97
CA SER C 14 2.85 -45.64 29.80
C SER C 14 2.31 -44.25 30.09
N VAL C 15 1.05 -44.04 29.70
CA VAL C 15 0.41 -42.73 29.86
C VAL C 15 0.57 -42.26 31.30
N GLY C 16 1.01 -41.01 31.47
CA GLY C 16 1.15 -40.38 32.77
C GLY C 16 2.57 -40.25 33.25
N ASP C 17 3.53 -40.88 32.59
CA ASP C 17 4.92 -40.89 33.04
C ASP C 17 5.70 -39.75 32.42
N ARG C 18 6.54 -39.09 33.24
CA ARG C 18 7.48 -38.10 32.74
C ARG C 18 8.66 -38.83 32.11
N VAL C 19 8.72 -38.82 30.78
CA VAL C 19 9.82 -39.44 30.05
C VAL C 19 10.76 -38.34 29.59
N THR C 20 12.02 -38.72 29.35
CA THR C 20 13.05 -37.74 29.02
C THR C 20 14.07 -38.37 28.07
N ILE C 21 14.20 -37.80 26.89
CA ILE C 21 15.28 -38.15 25.96
C ILE C 21 16.41 -37.16 26.21
N THR C 22 17.64 -37.61 25.96
CA THR C 22 18.82 -36.77 26.06
C THR C 22 19.56 -36.79 24.74
N CYS C 23 20.15 -35.65 24.37
CA CYS C 23 20.82 -35.48 23.09
C CYS C 23 22.18 -34.84 23.36
N ARG C 24 23.23 -35.43 22.79
CA ARG C 24 24.60 -34.98 22.98
C ARG C 24 25.19 -34.61 21.63
N ALA C 25 26.13 -33.65 21.65
CA ALA C 25 26.82 -33.19 20.45
C ALA C 25 28.32 -33.22 20.69
N SER C 26 29.07 -33.33 19.59
CA SER C 26 30.53 -33.28 19.68
C SER C 26 30.99 -31.98 20.34
N GLN C 27 30.51 -30.85 19.85
CA GLN C 27 30.98 -29.54 20.27
C GLN C 27 29.85 -28.75 20.89
N GLY C 28 30.22 -27.62 21.49
CA GLY C 28 29.24 -26.73 22.10
C GLY C 28 28.45 -25.96 21.06
N ILE C 29 27.25 -26.42 20.74
CA ILE C 29 26.45 -25.84 19.67
C ILE C 29 25.48 -24.83 20.24
N SER C 30 25.86 -24.17 21.33
CA SER C 30 25.03 -23.13 21.97
C SER C 30 23.61 -23.67 22.09
N SER C 31 22.59 -22.93 21.67
CA SER C 31 21.20 -23.37 21.75
C SER C 31 20.65 -23.80 20.40
N TYR C 32 21.48 -23.90 19.37
CA TYR C 32 21.04 -24.20 18.01
C TYR C 32 20.71 -25.69 17.90
N LEU C 33 19.62 -26.07 18.58
CA LEU C 33 19.19 -27.45 18.68
C LEU C 33 17.68 -27.51 18.52
N ALA C 34 17.20 -28.44 17.69
CA ALA C 34 15.78 -28.63 17.46
C ALA C 34 15.42 -30.09 17.67
N TRP C 35 14.17 -30.33 18.05
CA TRP C 35 13.62 -31.66 18.24
C TRP C 35 12.48 -31.87 17.25
N TYR C 36 12.47 -33.02 16.58
CA TYR C 36 11.38 -33.40 15.70
C TYR C 36 10.75 -34.69 16.19
N GLN C 37 9.44 -34.81 15.95
CA GLN C 37 8.70 -36.03 16.25
C GLN C 37 8.24 -36.64 14.93
N GLN C 38 8.59 -37.90 14.70
CA GLN C 38 8.18 -38.62 13.50
C GLN C 38 7.37 -39.85 13.92
N ARG C 39 6.05 -39.75 13.79
CA ARG C 39 5.21 -40.93 13.86
C ARG C 39 5.43 -41.72 12.58
N PRO C 40 5.93 -42.96 12.65
CA PRO C 40 6.37 -43.64 11.43
C PRO C 40 5.27 -43.66 10.36
N GLY C 41 5.70 -43.47 9.12
CA GLY C 41 4.77 -43.35 8.00
C GLY C 41 4.79 -41.97 7.38
N LYS C 42 4.51 -40.95 8.18
CA LYS C 42 4.53 -39.57 7.70
C LYS C 42 5.91 -38.97 7.92
N ALA C 43 6.04 -37.66 7.69
CA ALA C 43 7.34 -37.00 7.72
C ALA C 43 7.61 -36.41 9.10
N PRO C 44 8.87 -36.04 9.37
CA PRO C 44 9.19 -35.47 10.69
C PRO C 44 8.40 -34.20 10.97
N ARG C 45 8.21 -33.93 12.25
CA ARG C 45 7.44 -32.77 12.70
C ARG C 45 8.27 -32.01 13.73
N PRO C 46 8.62 -30.75 13.48
CA PRO C 46 9.39 -30.01 14.48
C PRO C 46 8.56 -29.76 15.74
N LEU C 47 9.19 -30.00 16.89
CA LEU C 47 8.59 -29.73 18.19
C LEU C 47 9.26 -28.58 18.91
N ILE C 48 10.59 -28.61 19.00
CA ILE C 48 11.38 -27.64 19.75
C ILE C 48 12.39 -27.02 18.81
N ASP C 49 12.66 -25.74 19.01
CA ASP C 49 13.78 -25.07 18.35
C ASP C 49 14.47 -24.19 19.39
N SER C 50 15.72 -23.86 19.11
CA SER C 50 16.56 -23.14 20.08
C SER C 50 16.65 -23.91 21.39
N ALA C 51 16.46 -25.24 21.32
CA ALA C 51 16.65 -26.15 22.44
C ALA C 51 15.50 -26.10 23.45
N SER C 52 14.96 -24.91 23.72
CA SER C 52 14.00 -24.73 24.80
C SER C 52 12.87 -23.79 24.38
N THR C 53 12.44 -23.90 23.13
CA THR C 53 11.35 -23.08 22.60
C THR C 53 10.57 -23.92 21.60
N LEU C 54 9.30 -24.16 21.90
CA LEU C 54 8.50 -25.14 21.18
C LEU C 54 7.66 -24.48 20.09
N GLU C 55 7.50 -25.20 18.99
CA GLU C 55 6.83 -24.69 17.81
C GLU C 55 5.35 -24.45 18.10
N SER C 56 4.66 -23.89 17.10
CA SER C 56 3.22 -23.72 17.19
C SER C 56 2.51 -25.05 17.00
N GLY C 57 1.46 -25.26 17.78
CA GLY C 57 0.74 -26.52 17.74
C GLY C 57 1.35 -27.62 18.57
N VAL C 58 2.33 -27.32 19.41
CA VAL C 58 3.00 -28.30 20.25
C VAL C 58 2.36 -28.26 21.63
N PRO C 59 1.85 -29.38 22.14
CA PRO C 59 1.26 -29.37 23.50
C PRO C 59 2.24 -28.84 24.52
N SER C 60 1.70 -28.21 25.57
CA SER C 60 2.55 -27.58 26.57
C SER C 60 3.34 -28.61 27.37
N ARG C 61 2.84 -29.85 27.46
CA ARG C 61 3.54 -30.87 28.22
C ARG C 61 4.96 -31.08 27.71
N PHE C 62 5.16 -30.94 26.40
CA PHE C 62 6.50 -31.06 25.85
C PHE C 62 7.39 -29.93 26.36
N SER C 63 8.66 -30.25 26.60
CA SER C 63 9.60 -29.28 27.12
C SER C 63 11.00 -29.61 26.59
N GLY C 64 11.81 -28.58 26.42
CA GLY C 64 13.19 -28.74 26.04
C GLY C 64 14.10 -27.90 26.91
N SER C 65 15.35 -28.34 27.01
CA SER C 65 16.32 -27.62 27.82
C SER C 65 17.72 -28.02 27.38
N GLY C 66 18.68 -27.16 27.72
CA GLY C 66 20.07 -27.39 27.35
C GLY C 66 20.65 -26.21 26.58
N SER C 67 21.96 -25.99 26.72
CA SER C 67 22.62 -24.89 26.02
C SER C 67 24.11 -25.16 25.88
N GLY C 68 24.47 -26.12 25.04
CA GLY C 68 25.87 -26.42 24.81
C GLY C 68 26.10 -27.77 24.17
N THR C 69 26.44 -28.78 24.98
CA THR C 69 26.79 -30.09 24.48
C THR C 69 25.68 -31.12 24.62
N GLU C 70 24.96 -31.10 25.74
CA GLU C 70 23.92 -32.10 26.01
C GLU C 70 22.61 -31.38 26.32
N PHE C 71 21.52 -31.86 25.72
CA PHE C 71 20.21 -31.27 25.85
C PHE C 71 19.21 -32.36 26.25
N THR C 72 18.00 -31.93 26.61
CA THR C 72 16.97 -32.85 27.06
C THR C 72 15.63 -32.45 26.46
N LEU C 73 14.92 -33.44 25.90
CA LEU C 73 13.50 -33.34 25.60
C LEU C 73 12.73 -34.00 26.73
N THR C 74 11.69 -33.34 27.22
CA THR C 74 11.00 -33.78 28.43
C THR C 74 9.50 -33.70 28.21
N ILE C 75 8.85 -34.86 28.13
CA ILE C 75 7.40 -34.96 28.11
C ILE C 75 6.92 -35.09 29.55
N SER C 76 6.10 -34.15 30.00
CA SER C 76 5.69 -34.10 31.40
C SER C 76 4.56 -35.07 31.72
N SER C 77 3.89 -35.63 30.71
CA SER C 77 2.87 -36.64 30.93
C SER C 77 2.54 -37.34 29.62
N LEU C 78 2.95 -38.60 29.48
CA LEU C 78 2.82 -39.31 28.22
C LEU C 78 1.36 -39.37 27.78
N GLN C 79 1.16 -39.63 26.49
CA GLN C 79 -0.16 -39.61 25.88
C GLN C 79 -0.24 -40.70 24.82
N PRO C 80 -1.46 -41.08 24.42
CA PRO C 80 -1.60 -42.11 23.38
C PRO C 80 -0.91 -41.79 22.07
N GLU C 81 -0.66 -40.51 21.78
CA GLU C 81 -0.14 -40.08 20.48
C GLU C 81 1.34 -39.73 20.52
N ASP C 82 1.98 -39.79 21.68
CA ASP C 82 3.39 -39.47 21.81
C ASP C 82 4.30 -40.66 21.49
N PHE C 83 3.74 -41.84 21.23
CA PHE C 83 4.52 -43.05 21.01
C PHE C 83 5.12 -43.06 19.61
N ALA C 84 6.03 -42.10 19.38
CA ALA C 84 6.66 -41.89 18.09
C ALA C 84 8.17 -41.97 18.25
N ILE C 85 8.87 -41.71 17.15
CA ILE C 85 10.33 -41.64 17.12
C ILE C 85 10.74 -40.18 17.21
N TYR C 86 11.74 -39.88 18.03
CA TYR C 86 12.14 -38.51 18.33
C TYR C 86 13.59 -38.32 17.91
N TYR C 87 13.81 -37.35 17.01
CA TYR C 87 15.14 -37.00 16.54
C TYR C 87 15.52 -35.62 17.07
N CYS C 88 16.78 -35.48 17.46
CA CYS C 88 17.38 -34.18 17.75
C CYS C 88 18.34 -33.82 16.63
N GLN C 89 18.43 -32.53 16.33
CA GLN C 89 19.21 -32.07 15.20
C GLN C 89 19.85 -30.72 15.53
N GLN C 90 21.13 -30.61 15.21
CA GLN C 90 21.86 -29.36 15.37
C GLN C 90 21.88 -28.59 14.06
N TYR C 91 21.72 -27.28 14.14
CA TYR C 91 21.91 -26.39 13.00
C TYR C 91 22.90 -25.28 13.36
N TYR C 92 23.87 -25.60 14.21
CA TYR C 92 24.89 -24.63 14.61
C TYR C 92 25.91 -24.42 13.50
N SER C 93 26.26 -25.48 12.78
CA SER C 93 27.20 -25.39 11.68
C SER C 93 26.83 -26.45 10.65
N ASP C 94 27.33 -26.25 9.41
CA ASP C 94 27.13 -27.31 8.42
C ASP C 94 28.36 -28.20 8.38
N PRO C 95 28.21 -29.48 8.00
CA PRO C 95 26.97 -30.15 7.55
C PRO C 95 25.97 -30.31 8.69
N PHE C 96 24.70 -30.01 8.42
CA PHE C 96 23.66 -30.13 9.43
C PHE C 96 23.40 -31.60 9.72
N THR C 97 23.44 -31.97 10.99
CA THR C 97 23.41 -33.36 11.42
C THR C 97 22.27 -33.63 12.38
N PHE C 98 21.74 -34.85 12.30
CA PHE C 98 20.69 -35.33 13.20
C PHE C 98 21.27 -36.34 14.17
N GLY C 99 20.51 -36.59 15.24
CA GLY C 99 20.82 -37.67 16.14
C GLY C 99 20.37 -39.01 15.61
N PRO C 100 20.82 -40.08 16.27
CA PRO C 100 20.41 -41.42 15.82
C PRO C 100 18.92 -41.67 15.88
N GLY C 101 18.19 -40.93 16.70
CA GLY C 101 16.79 -41.20 16.94
C GLY C 101 16.58 -41.95 18.24
N THR C 102 15.40 -41.75 18.84
CA THR C 102 15.05 -42.39 20.11
C THR C 102 13.64 -42.95 20.00
N GLU C 103 13.51 -44.25 20.24
CA GLU C 103 12.22 -44.93 20.13
C GLU C 103 11.43 -44.79 21.42
N LEU C 104 10.11 -44.81 21.29
CA LEU C 104 9.21 -44.64 22.43
C LEU C 104 7.93 -45.41 22.13
N GLU C 105 7.66 -46.45 22.92
CA GLU C 105 6.54 -47.35 22.63
C GLU C 105 5.66 -47.59 23.86
N ILE C 106 4.71 -48.51 23.75
CA ILE C 106 3.71 -48.76 24.79
C ILE C 106 4.07 -50.01 25.57
N TYR C 107 3.08 -50.58 26.28
CA TYR C 107 3.26 -51.76 27.10
C TYR C 107 2.48 -52.94 26.50
N ARG C 108 2.56 -54.08 27.19
CA ARG C 108 1.89 -55.32 26.80
C ARG C 108 2.19 -55.64 25.33
N THR C 109 3.42 -56.10 25.12
CA THR C 109 3.92 -56.42 23.80
C THR C 109 4.43 -57.86 23.76
N VAL C 110 4.30 -58.49 22.60
CA VAL C 110 4.86 -59.82 22.40
C VAL C 110 6.36 -59.83 22.67
N ALA C 111 7.01 -58.67 22.57
CA ALA C 111 8.44 -58.53 22.84
C ALA C 111 9.25 -59.22 21.74
N GLN D 1 -4.52 -4.19 -4.30
CA GLN D 1 -3.11 -4.34 -3.83
C GLN D 1 -2.89 -3.48 -2.59
N VAL D 2 -1.85 -2.64 -2.61
CA VAL D 2 -1.50 -1.85 -1.43
C VAL D 2 -2.36 -0.60 -1.39
N GLN D 3 -2.85 -0.27 -0.19
CA GLN D 3 -3.74 0.87 0.00
C GLN D 3 -3.34 1.63 1.26
N LEU D 4 -3.33 2.95 1.16
CA LEU D 4 -2.95 3.82 2.26
C LEU D 4 -4.13 4.70 2.65
N GLN D 5 -4.21 5.04 3.94
CA GLN D 5 -5.31 5.83 4.48
C GLN D 5 -4.77 6.75 5.55
N GLU D 6 -4.87 8.06 5.33
CA GLU D 6 -4.50 9.02 6.35
C GLU D 6 -5.60 9.14 7.40
N SER D 7 -5.19 9.45 8.62
CA SER D 7 -6.11 9.71 9.72
C SER D 7 -5.48 10.76 10.61
N GLY D 8 -6.29 11.71 11.08
CA GLY D 8 -5.78 12.74 11.95
C GLY D 8 -6.76 13.89 12.11
N PRO D 9 -6.29 14.99 12.72
CA PRO D 9 -7.18 16.14 12.95
C PRO D 9 -7.35 16.96 11.69
N GLY D 10 -8.59 17.41 11.46
CA GLY D 10 -8.85 18.38 10.42
C GLY D 10 -8.76 19.82 10.87
N LEU D 11 -8.65 20.03 12.18
CA LEU D 11 -8.56 21.36 12.76
C LEU D 11 -7.62 21.27 13.95
N LEU D 12 -6.59 22.09 13.97
CA LEU D 12 -5.58 22.08 15.04
C LEU D 12 -5.25 23.52 15.39
N LYS D 13 -5.24 23.82 16.68
CA LYS D 13 -4.98 25.19 17.11
C LYS D 13 -3.52 25.55 16.87
N PRO D 14 -3.25 26.76 16.37
CA PRO D 14 -1.85 27.12 16.08
C PRO D 14 -1.01 27.03 17.36
N SER D 15 0.22 26.53 17.20
CA SER D 15 1.17 26.40 18.30
C SER D 15 0.97 25.08 19.05
N GLU D 16 0.12 24.20 18.52
CA GLU D 16 -0.06 22.86 19.10
C GLU D 16 0.90 21.90 18.39
N THR D 17 0.51 20.64 18.24
CA THR D 17 1.34 19.68 17.50
C THR D 17 0.42 18.78 16.67
N LEU D 18 0.64 18.77 15.36
CA LEU D 18 -0.13 17.92 14.46
C LEU D 18 0.33 16.46 14.60
N SER D 19 -0.62 15.54 14.47
CA SER D 19 -0.33 14.11 14.52
C SER D 19 -1.20 13.41 13.48
N LEU D 20 -0.57 12.94 12.39
CA LEU D 20 -1.24 12.16 11.37
C LEU D 20 -0.72 10.72 11.44
N THR D 21 -1.56 9.78 11.00
CA THR D 21 -1.18 8.38 10.93
C THR D 21 -1.73 7.79 9.65
N CYS D 22 -1.00 6.82 9.11
CA CYS D 22 -1.33 6.20 7.82
C CYS D 22 -1.46 4.70 8.03
N GLU D 23 -2.67 4.17 7.87
CA GLU D 23 -2.88 2.73 7.89
C GLU D 23 -2.56 2.15 6.52
N VAL D 24 -1.84 1.02 6.52
CA VAL D 24 -1.40 0.34 5.31
C VAL D 24 -2.20 -0.95 5.18
N SER D 25 -2.87 -1.12 4.06
CA SER D 25 -3.77 -2.25 3.80
C SER D 25 -3.29 -2.96 2.54
N GLY D 26 -2.33 -3.88 2.70
CA GLY D 26 -1.82 -4.63 1.57
C GLY D 26 -0.33 -4.90 1.67
N ALA D 27 0.29 -4.49 2.77
CA ALA D 27 1.69 -4.75 3.00
C ALA D 27 1.99 -4.53 4.48
N SER D 28 3.01 -5.22 4.98
CA SER D 28 3.46 -5.01 6.34
C SER D 28 4.30 -3.75 6.41
N ILE D 29 4.15 -3.00 7.51
CA ILE D 29 5.01 -1.82 7.71
C ILE D 29 6.46 -2.23 7.69
N SER D 30 6.78 -3.44 8.16
CA SER D 30 8.15 -3.95 8.16
C SER D 30 8.44 -4.59 6.79
N SER D 31 8.50 -3.72 5.79
CA SER D 31 8.79 -4.12 4.42
C SER D 31 10.09 -3.47 3.97
N SER D 32 10.56 -3.89 2.79
CA SER D 32 11.65 -3.21 2.13
C SER D 32 11.09 -2.00 1.38
N ASN D 33 10.32 -1.18 2.09
CA ASN D 33 9.66 -0.02 1.53
C ASN D 33 10.08 1.22 2.31
N TRP D 34 9.68 2.38 1.80
CA TRP D 34 9.87 3.65 2.47
C TRP D 34 8.53 4.35 2.59
N TRP D 35 8.15 4.70 3.81
CA TRP D 35 6.86 5.31 4.09
C TRP D 35 7.05 6.81 4.26
N ASN D 36 6.32 7.59 3.46
CA ASN D 36 6.58 9.01 3.32
C ASN D 36 5.35 9.84 3.66
N TRP D 37 5.60 11.11 3.97
CA TRP D 37 4.57 12.10 4.16
C TRP D 37 4.86 13.27 3.24
N ILE D 38 3.85 13.67 2.46
CA ILE D 38 3.95 14.77 1.52
C ILE D 38 2.73 15.65 1.72
N ARG D 39 2.94 16.96 1.77
CA ARG D 39 1.85 17.91 1.86
C ARG D 39 1.79 18.78 0.63
N GLN D 40 0.58 19.24 0.32
CA GLN D 40 0.31 20.12 -0.81
C GLN D 40 -0.44 21.33 -0.27
N SER D 41 0.25 22.47 -0.18
CA SER D 41 -0.42 23.69 0.27
C SER D 41 -1.44 24.11 -0.79
N PRO D 42 -2.67 24.43 -0.40
CA PRO D 42 -3.70 24.72 -1.43
C PRO D 42 -3.28 25.83 -2.38
N GLY D 43 -2.46 26.77 -1.91
CA GLY D 43 -1.97 27.83 -2.75
C GLY D 43 -0.56 27.60 -3.24
N LYS D 44 -0.09 26.35 -3.16
CA LYS D 44 1.24 26.00 -3.67
C LYS D 44 1.20 24.61 -4.30
N GLY D 45 2.34 23.92 -4.29
CA GLY D 45 2.44 22.59 -4.87
C GLY D 45 2.87 21.52 -3.89
N LEU D 46 3.49 20.46 -4.40
CA LEU D 46 3.80 19.30 -3.59
C LEU D 46 5.11 19.50 -2.83
N GLU D 47 5.07 19.29 -1.52
CA GLU D 47 6.23 19.40 -0.64
C GLU D 47 6.43 18.09 0.09
N TRP D 48 7.56 17.43 -0.16
CA TRP D 48 7.89 16.21 0.56
C TRP D 48 8.29 16.54 1.99
N ILE D 49 7.62 15.90 2.95
CA ILE D 49 7.89 16.17 4.36
C ILE D 49 8.99 15.24 4.88
N GLY D 50 8.80 13.94 4.74
CA GLY D 50 9.78 13.02 5.29
C GLY D 50 9.52 11.59 4.89
N THR D 51 10.39 10.71 5.37
CA THR D 51 10.37 9.30 5.00
C THR D 51 10.88 8.49 6.18
N ILE D 52 10.47 7.22 6.23
CA ILE D 52 10.96 6.27 7.24
C ILE D 52 11.03 4.90 6.59
N GLY D 53 12.08 4.15 6.95
CA GLY D 53 12.29 2.84 6.38
C GLY D 53 11.55 1.74 7.11
N GLY D 54 10.66 1.04 6.40
CA GLY D 54 9.88 -0.01 7.02
C GLY D 54 10.73 -1.08 7.68
N ASN D 55 11.90 -1.37 7.13
CA ASN D 55 12.78 -2.38 7.67
C ASN D 55 13.90 -1.79 8.53
N SER D 56 14.61 -0.79 8.01
CA SER D 56 15.73 -0.21 8.74
C SER D 56 15.30 0.81 9.78
N GLY D 57 14.12 1.41 9.61
CA GLY D 57 13.70 2.50 10.45
C GLY D 57 14.45 3.79 10.25
N LYS D 58 15.37 3.84 9.28
CA LYS D 58 16.08 5.08 8.97
C LYS D 58 15.09 6.17 8.60
N ILE D 59 15.17 7.30 9.31
CA ILE D 59 14.22 8.39 9.18
C ILE D 59 14.94 9.61 8.62
N ALA D 60 14.27 10.32 7.73
CA ALA D 60 14.82 11.51 7.09
C ALA D 60 13.68 12.44 6.72
N SER D 61 13.97 13.74 6.76
CA SER D 61 12.95 14.77 6.56
C SER D 61 13.52 15.89 5.70
N SER D 62 12.66 16.85 5.39
CA SER D 62 13.10 18.03 4.64
C SER D 62 14.02 18.88 5.51
N PRO D 63 15.03 19.52 4.91
CA PRO D 63 15.89 20.41 5.71
C PRO D 63 15.12 21.55 6.35
N SER D 64 14.05 22.02 5.71
CA SER D 64 13.29 23.13 6.27
C SER D 64 12.41 22.69 7.43
N LEU D 65 11.98 21.42 7.43
CA LEU D 65 11.06 20.93 8.44
C LEU D 65 11.71 19.97 9.45
N GLU D 66 12.97 19.59 9.24
CA GLU D 66 13.57 18.56 10.09
C GLU D 66 13.53 18.94 11.56
N SER D 67 13.55 20.24 11.87
CA SER D 67 13.61 20.68 13.25
C SER D 67 12.34 20.34 14.04
N ARG D 68 11.22 20.10 13.37
CA ARG D 68 9.94 19.95 14.06
C ARG D 68 9.08 18.90 13.37
N VAL D 69 9.69 17.78 12.98
CA VAL D 69 8.97 16.67 12.36
C VAL D 69 9.43 15.37 13.02
N ILE D 70 8.47 14.54 13.41
CA ILE D 70 8.71 13.31 14.14
C ILE D 70 7.93 12.20 13.46
N MET D 71 8.64 11.24 12.87
CA MET D 71 8.02 10.12 12.19
C MET D 71 8.29 8.82 12.94
N SER D 72 7.35 7.89 12.80
CA SER D 72 7.39 6.64 13.53
C SER D 72 6.72 5.56 12.70
N LYS D 73 6.91 4.31 13.11
CA LYS D 73 6.26 3.18 12.47
C LYS D 73 5.85 2.19 13.55
N ASP D 74 4.56 1.84 13.59
CA ASP D 74 4.04 0.82 14.49
C ASP D 74 3.62 -0.37 13.64
N PRO D 75 4.50 -1.35 13.43
CA PRO D 75 4.10 -2.51 12.60
C PRO D 75 2.96 -3.31 13.23
N SER D 76 2.91 -3.38 14.56
CA SER D 76 1.85 -4.14 15.21
C SER D 76 0.46 -3.63 14.85
N LYS D 77 0.35 -2.37 14.42
CA LYS D 77 -0.94 -1.80 14.01
C LYS D 77 -0.95 -1.43 12.53
N ASN D 78 0.08 -1.82 11.77
CA ASN D 78 0.15 -1.53 10.33
C ASN D 78 0.03 -0.03 10.08
N ARG D 79 0.75 0.76 10.87
CA ARG D 79 0.68 2.21 10.80
C ARG D 79 2.09 2.80 10.79
N PHE D 80 2.22 3.92 10.09
CA PHE D 80 3.35 4.81 10.22
C PHE D 80 2.81 6.22 10.34
N SER D 81 3.39 7.01 11.23
CA SER D 81 2.81 8.26 11.67
C SER D 81 3.79 9.41 11.49
N LEU D 82 3.24 10.62 11.39
CA LEU D 82 4.01 11.85 11.37
C LEU D 82 3.48 12.79 12.43
N LYS D 83 4.39 13.55 13.06
CA LYS D 83 4.03 14.57 14.02
C LYS D 83 4.82 15.83 13.70
N MET D 84 4.13 16.96 13.62
CA MET D 84 4.76 18.26 13.41
C MET D 84 4.36 19.21 14.53
N THR D 85 5.36 19.79 15.18
CA THR D 85 5.16 20.66 16.32
C THR D 85 5.22 22.13 15.91
N SER D 86 4.90 23.01 16.85
CA SER D 86 4.93 24.45 16.64
C SER D 86 4.20 24.82 15.35
N VAL D 87 2.93 24.42 15.30
CA VAL D 87 2.16 24.51 14.06
C VAL D 87 1.80 25.97 13.79
N THR D 88 1.68 26.30 12.51
CA THR D 88 1.32 27.64 12.07
C THR D 88 0.32 27.50 10.92
N ALA D 89 -0.02 28.64 10.30
CA ALA D 89 -0.92 28.60 9.15
C ALA D 89 -0.20 28.14 7.89
N ALA D 90 1.12 28.35 7.81
CA ALA D 90 1.88 27.80 6.70
C ALA D 90 1.76 26.29 6.63
N ASP D 91 1.54 25.64 7.78
CA ASP D 91 1.36 24.20 7.82
C ASP D 91 -0.02 23.76 7.36
N THR D 92 -0.96 24.68 7.21
CA THR D 92 -2.27 24.34 6.67
C THR D 92 -2.12 23.83 5.25
N ALA D 93 -2.49 22.57 5.03
CA ALA D 93 -2.31 21.95 3.72
C ALA D 93 -2.98 20.58 3.73
N ILE D 94 -2.98 19.95 2.55
CA ILE D 94 -3.43 18.56 2.41
C ILE D 94 -2.23 17.66 2.64
N TYR D 95 -2.41 16.62 3.44
CA TYR D 95 -1.33 15.72 3.83
C TYR D 95 -1.60 14.34 3.25
N TYR D 96 -0.72 13.91 2.34
CA TYR D 96 -0.77 12.58 1.78
C TYR D 96 0.29 11.71 2.46
N CYS D 97 -0.06 10.46 2.73
CA CYS D 97 0.92 9.44 3.05
C CYS D 97 1.14 8.58 1.82
N THR D 98 2.40 8.34 1.49
CA THR D 98 2.77 7.63 0.27
C THR D 98 3.80 6.55 0.60
N ARG D 99 4.06 5.71 -0.40
CA ARG D 99 5.07 4.67 -0.32
C ARG D 99 5.94 4.76 -1.55
N GLN D 100 7.24 4.55 -1.38
CA GLN D 100 8.14 4.37 -2.51
C GLN D 100 8.87 3.06 -2.31
N GLU D 101 8.75 2.16 -3.29
CA GLU D 101 9.51 0.93 -3.30
C GLU D 101 10.99 1.29 -3.48
N GLN D 102 11.83 0.28 -3.70
CA GLN D 102 13.26 0.54 -3.81
C GLN D 102 13.91 -0.55 -4.62
N THR D 103 15.05 -0.21 -5.22
CA THR D 103 15.90 -1.19 -5.86
C THR D 103 16.95 -1.65 -4.85
N LEU D 104 18.01 -2.32 -5.32
CA LEU D 104 19.05 -2.78 -4.42
C LEU D 104 19.66 -1.63 -3.64
N PHE D 105 19.94 -0.51 -4.31
CA PHE D 105 20.71 0.57 -3.71
C PHE D 105 20.05 1.94 -3.77
N TRP D 106 18.82 2.05 -4.28
CA TRP D 106 18.15 3.34 -4.28
C TRP D 106 16.64 3.14 -4.35
N VAL D 107 15.92 4.23 -4.07
CA VAL D 107 14.47 4.23 -4.01
C VAL D 107 13.87 4.38 -5.41
N LYS D 108 12.56 4.25 -5.50
CA LYS D 108 11.82 4.44 -6.74
C LYS D 108 10.81 5.57 -6.53
N ARG D 109 9.93 5.78 -7.51
CA ARG D 109 8.91 6.81 -7.43
C ARG D 109 7.96 6.52 -6.27
N PHE D 110 6.99 7.42 -6.06
CA PHE D 110 5.91 7.20 -5.09
C PHE D 110 4.82 6.42 -5.81
N ASP D 111 4.75 5.12 -5.52
CA ASP D 111 3.85 4.24 -6.27
C ASP D 111 2.40 4.47 -5.88
N VAL D 112 2.13 4.69 -4.60
CA VAL D 112 0.79 4.67 -4.06
C VAL D 112 0.63 5.83 -3.08
N TRP D 113 -0.54 6.46 -3.11
CA TRP D 113 -0.85 7.59 -2.25
C TRP D 113 -2.15 7.31 -1.50
N GLY D 114 -2.32 7.98 -0.38
CA GLY D 114 -3.59 7.99 0.30
C GLY D 114 -4.46 9.10 -0.27
N PRO D 115 -5.75 9.10 0.09
CA PRO D 115 -6.64 10.15 -0.44
C PRO D 115 -6.19 11.56 -0.06
N GLY D 116 -5.40 11.71 0.99
CA GLY D 116 -5.03 13.02 1.48
C GLY D 116 -6.03 13.56 2.47
N ILE D 117 -5.56 14.13 3.57
CA ILE D 117 -6.41 14.71 4.60
C ILE D 117 -6.09 16.20 4.69
N LEU D 118 -7.12 17.03 4.63
CA LEU D 118 -6.94 18.47 4.73
C LEU D 118 -6.81 18.84 6.21
N VAL D 119 -5.65 19.37 6.58
CA VAL D 119 -5.38 19.83 7.94
C VAL D 119 -5.35 21.35 7.92
N SER D 120 -6.25 21.96 8.67
CA SER D 120 -6.36 23.41 8.75
C SER D 120 -5.91 23.88 10.13
N VAL D 121 -5.16 24.97 10.16
CA VAL D 121 -4.61 25.52 11.38
C VAL D 121 -5.37 26.81 11.70
N THR D 122 -6.06 26.82 12.84
CA THR D 122 -6.97 27.90 13.16
C THR D 122 -7.36 27.82 14.62
N SER D 123 -7.46 28.98 15.27
CA SER D 123 -7.93 29.04 16.65
C SER D 123 -9.44 29.01 16.76
N ALA D 124 -10.15 29.42 15.71
CA ALA D 124 -11.61 29.31 15.70
C ALA D 124 -12.05 27.87 15.95
N SER D 125 -13.34 27.72 16.25
CA SER D 125 -13.92 26.43 16.57
C SER D 125 -14.69 25.89 15.37
N THR D 126 -14.83 24.57 15.33
CA THR D 126 -15.53 23.92 14.22
C THR D 126 -17.03 24.15 14.32
N LYS D 127 -17.70 24.05 13.18
CA LYS D 127 -19.15 24.21 13.12
C LYS D 127 -19.69 23.30 12.04
N GLY D 128 -20.62 22.42 12.43
CA GLY D 128 -21.23 21.50 11.49
C GLY D 128 -22.06 22.22 10.44
N PRO D 129 -22.31 21.56 9.32
CA PRO D 129 -23.04 22.21 8.22
C PRO D 129 -24.55 22.14 8.39
N SER D 130 -25.21 23.22 7.98
CA SER D 130 -26.66 23.22 7.81
C SER D 130 -26.99 22.90 6.36
N VAL D 131 -27.86 21.93 6.14
CA VAL D 131 -28.19 21.45 4.81
C VAL D 131 -29.61 21.90 4.48
N PHE D 132 -29.76 22.60 3.36
CA PHE D 132 -31.06 23.04 2.87
C PHE D 132 -31.30 22.48 1.48
N PRO D 133 -32.56 22.22 1.12
CA PRO D 133 -32.85 21.63 -0.20
C PRO D 133 -33.07 22.66 -1.29
N LEU D 134 -32.75 22.24 -2.52
CA LEU D 134 -33.01 23.00 -3.73
C LEU D 134 -33.98 22.17 -4.58
N ALA D 135 -35.27 22.45 -4.47
CA ALA D 135 -36.27 21.61 -5.12
C ALA D 135 -36.37 21.93 -6.62
N PRO D 136 -36.87 20.99 -7.42
CA PRO D 136 -36.82 21.12 -8.88
C PRO D 136 -37.88 22.08 -9.41
N SER D 137 -37.94 22.18 -10.73
CA SER D 137 -38.85 23.11 -11.41
C SER D 137 -39.96 22.37 -12.17
N SER D 138 -39.94 22.40 -13.51
CA SER D 138 -41.09 21.94 -14.26
C SER D 138 -40.85 21.68 -15.75
N GLU D 139 -39.65 21.23 -16.13
CA GLU D 139 -39.36 20.96 -17.53
C GLU D 139 -39.08 19.47 -17.73
N SER D 140 -38.28 19.12 -18.74
CA SER D 140 -38.03 17.73 -19.11
C SER D 140 -36.89 17.12 -18.29
N THR D 141 -35.68 17.68 -18.43
CA THR D 141 -34.52 17.26 -17.64
C THR D 141 -34.34 18.31 -16.55
N ALA D 142 -34.83 18.00 -15.35
CA ALA D 142 -34.85 18.96 -14.24
C ALA D 142 -33.65 18.75 -13.34
N ALA D 143 -33.29 19.82 -12.62
CA ALA D 143 -32.12 19.85 -11.77
C ALA D 143 -32.53 20.12 -10.33
N LEU D 144 -32.04 19.30 -9.41
CA LEU D 144 -32.24 19.49 -7.98
C LEU D 144 -30.88 19.52 -7.29
N GLY D 145 -30.89 19.81 -6.00
CA GLY D 145 -29.66 19.90 -5.25
C GLY D 145 -29.95 20.19 -3.79
N CYS D 146 -28.87 20.29 -3.02
CA CYS D 146 -28.96 20.71 -1.63
C CYS D 146 -27.78 21.63 -1.31
N LEU D 147 -28.07 22.72 -0.62
CA LEU D 147 -27.07 23.74 -0.30
C LEU D 147 -26.49 23.47 1.09
N VAL D 148 -25.19 23.19 1.12
CA VAL D 148 -24.47 23.03 2.38
C VAL D 148 -23.96 24.40 2.80
N LYS D 149 -24.30 24.82 4.02
CA LYS D 149 -24.24 26.22 4.40
C LYS D 149 -23.69 26.36 5.82
N ASP D 150 -22.80 27.34 5.99
CA ASP D 150 -22.24 27.69 7.29
C ASP D 150 -21.60 26.49 7.96
N TYR D 151 -20.43 26.11 7.46
CA TYR D 151 -19.63 25.05 8.04
C TYR D 151 -18.17 25.48 8.09
N PHE D 152 -17.46 24.99 9.09
CA PHE D 152 -16.06 25.33 9.27
C PHE D 152 -15.38 24.21 10.05
N PRO D 153 -14.20 23.75 9.62
CA PRO D 153 -13.46 24.11 8.40
C PRO D 153 -13.77 23.18 7.24
N GLU D 154 -13.25 23.45 6.06
CA GLU D 154 -13.30 22.48 4.98
C GLU D 154 -12.56 21.21 5.41
N PRO D 155 -12.82 20.08 4.75
CA PRO D 155 -13.70 19.85 3.60
C PRO D 155 -14.99 19.12 3.95
N VAL D 156 -16.09 19.44 3.27
CA VAL D 156 -17.29 18.63 3.29
C VAL D 156 -17.41 17.97 1.92
N THR D 157 -17.95 16.76 1.90
CA THR D 157 -18.10 15.98 0.68
C THR D 157 -19.55 15.51 0.58
N VAL D 158 -20.14 15.70 -0.60
CA VAL D 158 -21.54 15.37 -0.84
C VAL D 158 -21.61 14.21 -1.80
N SER D 159 -22.46 13.23 -1.48
CA SER D 159 -22.85 12.16 -2.38
C SER D 159 -24.37 12.19 -2.51
N TRP D 160 -24.89 11.40 -3.44
CA TRP D 160 -26.32 11.34 -3.71
C TRP D 160 -26.78 9.90 -3.68
N ASN D 161 -27.88 9.64 -2.96
CA ASN D 161 -28.39 8.29 -2.78
C ASN D 161 -27.26 7.34 -2.38
N SER D 162 -26.43 7.80 -1.45
CA SER D 162 -25.36 6.98 -0.88
C SER D 162 -24.33 6.54 -1.93
N GLY D 163 -24.11 7.40 -2.92
CA GLY D 163 -23.11 7.12 -3.94
C GLY D 163 -23.61 6.39 -5.17
N SER D 164 -24.89 6.00 -5.19
CA SER D 164 -25.43 5.37 -6.39
C SER D 164 -25.64 6.38 -7.51
N LEU D 165 -26.26 7.50 -7.19
CA LEU D 165 -26.46 8.58 -8.16
C LEU D 165 -25.13 9.32 -8.33
N THR D 166 -24.48 9.12 -9.47
CA THR D 166 -23.21 9.76 -9.76
C THR D 166 -23.26 10.47 -11.10
N SER D 167 -24.12 10.00 -11.99
CA SER D 167 -24.22 10.56 -13.33
C SER D 167 -24.92 11.92 -13.28
N GLY D 168 -24.24 12.95 -13.74
CA GLY D 168 -24.82 14.27 -13.80
C GLY D 168 -24.75 15.06 -12.52
N VAL D 169 -23.87 14.68 -11.60
CA VAL D 169 -23.74 15.34 -10.30
C VAL D 169 -22.61 16.34 -10.39
N HIS D 170 -22.88 17.59 -9.98
CA HIS D 170 -21.88 18.64 -9.89
C HIS D 170 -21.89 19.18 -8.46
N THR D 171 -20.81 18.96 -7.73
CA THR D 171 -20.63 19.54 -6.41
C THR D 171 -19.68 20.71 -6.52
N PHE D 172 -20.12 21.87 -6.09
CA PHE D 172 -19.34 23.07 -6.34
C PHE D 172 -18.34 23.33 -5.22
N PRO D 173 -17.16 23.88 -5.55
CA PRO D 173 -16.21 24.26 -4.49
C PRO D 173 -16.83 25.16 -3.44
N ALA D 174 -16.26 25.16 -2.23
CA ALA D 174 -16.79 25.97 -1.14
C ALA D 174 -16.61 27.45 -1.45
N VAL D 175 -17.22 28.28 -0.60
CA VAL D 175 -17.21 29.73 -0.76
C VAL D 175 -17.07 30.34 0.64
N LEU D 176 -15.94 30.98 0.90
CA LEU D 176 -15.76 31.66 2.18
C LEU D 176 -16.71 32.85 2.25
N GLN D 177 -17.61 32.82 3.23
CA GLN D 177 -18.56 33.90 3.42
C GLN D 177 -17.99 34.93 4.39
N SER D 178 -18.52 36.15 4.31
CA SER D 178 -18.04 37.22 5.18
C SER D 178 -18.18 36.84 6.65
N SER D 179 -19.16 35.99 6.97
CA SER D 179 -19.30 35.52 8.34
C SER D 179 -18.06 34.79 8.83
N GLY D 180 -17.26 34.24 7.91
CA GLY D 180 -16.11 33.45 8.26
C GLY D 180 -16.30 31.95 8.10
N LEU D 181 -17.42 31.52 7.53
CA LEU D 181 -17.75 30.11 7.36
C LEU D 181 -17.85 29.79 5.87
N TYR D 182 -17.85 28.49 5.58
CA TYR D 182 -17.88 28.00 4.21
C TYR D 182 -19.28 27.59 3.81
N SER D 183 -19.51 27.52 2.50
CA SER D 183 -20.82 27.17 1.97
C SER D 183 -20.65 26.74 0.52
N LEU D 184 -21.16 25.55 0.21
CA LEU D 184 -21.17 25.03 -1.15
C LEU D 184 -22.57 24.49 -1.45
N SER D 185 -22.74 23.95 -2.66
CA SER D 185 -24.02 23.39 -3.07
C SER D 185 -23.78 22.28 -4.08
N SER D 186 -24.38 21.13 -3.84
CA SER D 186 -24.34 20.00 -4.76
C SER D 186 -25.65 19.91 -5.53
N VAL D 187 -25.54 19.70 -6.83
CA VAL D 187 -26.71 19.68 -7.71
C VAL D 187 -26.57 18.50 -8.68
N VAL D 188 -27.72 17.95 -9.09
CA VAL D 188 -27.76 16.82 -10.00
C VAL D 188 -28.93 17.01 -10.97
N THR D 189 -28.71 16.66 -12.22
CA THR D 189 -29.74 16.66 -13.24
C THR D 189 -30.30 15.25 -13.39
N VAL D 190 -31.62 15.17 -13.60
CA VAL D 190 -32.29 13.88 -13.75
C VAL D 190 -33.52 14.06 -14.63
N PRO D 191 -34.09 12.99 -15.18
CA PRO D 191 -35.36 13.11 -15.91
C PRO D 191 -36.47 13.55 -14.96
N SER D 192 -37.19 14.61 -15.36
CA SER D 192 -38.31 15.08 -14.58
C SER D 192 -39.35 13.98 -14.37
N SER D 193 -39.47 13.07 -15.33
CA SER D 193 -40.43 11.98 -15.21
C SER D 193 -40.16 11.16 -13.94
N SER D 194 -38.89 10.99 -13.58
CA SER D 194 -38.53 10.15 -12.45
C SER D 194 -38.76 10.80 -11.09
N LEU D 195 -39.14 12.08 -11.06
CA LEU D 195 -39.23 12.79 -9.78
C LEU D 195 -40.20 12.10 -8.83
N GLY D 196 -41.45 11.91 -9.26
CA GLY D 196 -42.44 11.28 -8.41
C GLY D 196 -42.17 9.81 -8.12
N THR D 197 -41.20 9.20 -8.78
CA THR D 197 -40.92 7.78 -8.63
C THR D 197 -39.58 7.50 -7.97
N GLN D 198 -38.75 8.51 -7.76
CA GLN D 198 -37.38 8.32 -7.30
C GLN D 198 -37.08 9.32 -6.20
N THR D 199 -36.66 8.81 -5.04
CA THR D 199 -36.23 9.67 -3.95
C THR D 199 -34.79 10.09 -4.16
N TYR D 200 -34.49 11.35 -3.82
CA TYR D 200 -33.16 11.92 -4.03
C TYR D 200 -32.65 12.47 -2.70
N VAL D 201 -31.79 11.69 -2.05
CA VAL D 201 -31.17 12.06 -0.78
C VAL D 201 -29.73 12.48 -1.06
N CYS D 202 -29.34 13.62 -0.49
CA CYS D 202 -27.96 14.10 -0.58
C CYS D 202 -27.27 13.87 0.75
N ASN D 203 -26.11 13.23 0.72
CA ASN D 203 -25.39 12.81 1.91
C ASN D 203 -24.15 13.70 2.05
N VAL D 204 -24.16 14.57 3.05
CA VAL D 204 -23.07 15.49 3.33
C VAL D 204 -22.23 14.92 4.47
N ASN D 205 -20.91 15.01 4.33
CA ASN D 205 -19.98 14.49 5.33
C ASN D 205 -18.98 15.59 5.69
N HIS D 206 -19.05 16.07 6.93
CA HIS D 206 -18.11 17.06 7.46
C HIS D 206 -17.29 16.37 8.55
N LYS D 207 -16.20 15.75 8.15
CA LYS D 207 -15.39 14.95 9.06
C LYS D 207 -14.71 15.81 10.12
N PRO D 208 -14.30 17.05 9.82
CA PRO D 208 -13.74 17.90 10.88
C PRO D 208 -14.62 17.99 12.12
N SER D 209 -15.93 18.06 11.95
CA SER D 209 -16.86 18.09 13.08
C SER D 209 -17.51 16.74 13.33
N ASN D 210 -17.04 15.69 12.67
CA ASN D 210 -17.62 14.35 12.81
C ASN D 210 -19.13 14.39 12.65
N THR D 211 -19.58 14.95 11.53
CA THR D 211 -21.00 15.12 11.24
C THR D 211 -21.29 14.60 9.85
N LYS D 212 -22.35 13.79 9.75
CA LYS D 212 -22.88 13.34 8.46
C LYS D 212 -24.37 13.64 8.45
N VAL D 213 -24.83 14.31 7.39
CA VAL D 213 -26.21 14.75 7.28
C VAL D 213 -26.80 14.19 5.99
N ASP D 214 -27.94 13.51 6.12
CA ASP D 214 -28.71 13.02 4.97
C ASP D 214 -29.98 13.85 4.87
N LYS D 215 -30.17 14.50 3.72
CA LYS D 215 -31.33 15.32 3.46
C LYS D 215 -31.98 14.85 2.16
N ARG D 216 -33.25 14.47 2.25
CA ARG D 216 -34.03 14.20 1.04
C ARG D 216 -34.46 15.52 0.41
N VAL D 217 -34.14 15.70 -0.86
CA VAL D 217 -34.60 16.83 -1.65
C VAL D 217 -35.75 16.35 -2.53
N GLU D 218 -36.89 17.03 -2.43
CA GLU D 218 -38.08 16.60 -3.14
C GLU D 218 -38.85 17.81 -3.65
N ILE D 219 -39.70 17.56 -4.65
CA ILE D 219 -40.63 18.55 -5.19
C ILE D 219 -41.21 19.37 -4.05
N LYS D 220 -41.27 20.69 -4.23
CA LYS D 220 -41.75 21.57 -3.17
C LYS D 220 -43.18 21.19 -2.77
N ALA D 221 -43.33 20.64 -1.57
CA ALA D 221 -44.64 20.23 -1.05
C ALA D 221 -45.44 21.47 -0.65
N ALA D 222 -45.85 22.23 -1.66
CA ALA D 222 -46.59 23.46 -1.44
C ALA D 222 -47.82 23.52 -2.34
N ALA E 1 18.66 21.82 -2.00
CA ALA E 1 17.58 21.05 -2.70
C ALA E 1 17.83 21.03 -4.20
N ILE E 2 17.02 20.25 -4.91
CA ILE E 2 17.09 20.13 -6.36
C ILE E 2 15.86 20.83 -6.91
N GLN E 3 16.04 22.06 -7.39
CA GLN E 3 14.92 22.85 -7.88
C GLN E 3 14.41 22.25 -9.19
N MET E 4 13.13 21.88 -9.20
CA MET E 4 12.50 21.28 -10.37
C MET E 4 11.54 22.29 -10.99
N THR E 5 11.76 22.62 -12.25
CA THR E 5 10.91 23.50 -13.02
C THR E 5 10.30 22.75 -14.19
N GLN E 6 9.22 23.31 -14.74
CA GLN E 6 8.61 22.73 -15.92
C GLN E 6 7.78 23.80 -16.63
N SER E 7 7.79 23.76 -17.95
CA SER E 7 6.98 24.61 -18.80
C SER E 7 6.25 23.75 -19.82
N PRO E 8 5.11 24.22 -20.34
CA PRO E 8 4.40 25.47 -20.02
C PRO E 8 3.75 25.46 -18.63
N SER E 9 3.47 26.64 -18.08
CA SER E 9 2.72 26.72 -16.82
C SER E 9 1.28 26.27 -17.02
N SER E 10 0.69 26.59 -18.16
CA SER E 10 -0.66 26.17 -18.50
C SER E 10 -0.67 25.73 -19.96
N LEU E 11 -1.77 25.09 -20.36
CA LEU E 11 -1.86 24.54 -21.70
C LEU E 11 -3.33 24.29 -22.02
N SER E 12 -3.65 24.29 -23.31
CA SER E 12 -5.02 24.10 -23.78
C SER E 12 -4.98 23.31 -25.07
N ALA E 13 -5.76 22.23 -25.12
CA ALA E 13 -5.77 21.34 -26.27
C ALA E 13 -7.17 20.77 -26.44
N SER E 14 -7.32 19.92 -27.46
CA SER E 14 -8.59 19.28 -27.76
C SER E 14 -8.34 17.80 -28.07
N VAL E 15 -9.38 16.99 -27.88
CA VAL E 15 -9.30 15.56 -28.13
C VAL E 15 -8.63 15.29 -29.47
N GLY E 16 -7.53 14.54 -29.44
CA GLY E 16 -6.88 14.12 -30.66
C GLY E 16 -5.45 14.60 -30.79
N ASP E 17 -5.20 15.87 -30.47
CA ASP E 17 -3.88 16.44 -30.65
C ASP E 17 -2.92 15.94 -29.58
N ARG E 18 -1.64 15.86 -29.94
CA ARG E 18 -0.59 15.38 -29.04
C ARG E 18 0.09 16.58 -28.39
N VAL E 19 0.24 16.51 -27.07
CA VAL E 19 0.83 17.59 -26.29
C VAL E 19 2.13 17.07 -25.66
N THR E 20 2.98 18.01 -25.24
CA THR E 20 4.29 17.65 -24.72
C THR E 20 4.74 18.70 -23.72
N ILE E 21 4.89 18.28 -22.46
CA ILE E 21 5.38 19.13 -21.39
C ILE E 21 6.88 18.89 -21.25
N THR E 22 7.58 19.87 -20.69
CA THR E 22 9.01 19.73 -20.40
C THR E 22 9.27 20.01 -18.93
N CYS E 23 10.19 19.24 -18.34
CA CYS E 23 10.63 19.40 -16.96
C CYS E 23 12.14 19.58 -16.96
N ARG E 24 12.63 20.51 -16.15
CA ARG E 24 14.06 20.78 -16.07
C ARG E 24 14.50 20.80 -14.60
N ALA E 25 15.75 20.40 -14.38
CA ALA E 25 16.28 20.19 -13.04
C ALA E 25 17.58 20.96 -12.86
N SER E 26 17.80 21.43 -11.63
CA SER E 26 19.03 22.15 -11.31
C SER E 26 20.26 21.39 -11.76
N GLN E 27 20.35 20.11 -11.39
CA GLN E 27 21.52 19.28 -11.63
C GLN E 27 21.10 18.00 -12.33
N GLY E 28 22.10 17.25 -12.80
CA GLY E 28 21.81 15.99 -13.46
C GLY E 28 21.15 15.00 -12.50
N ILE E 29 20.11 14.34 -12.98
CA ILE E 29 19.38 13.35 -12.18
C ILE E 29 19.17 12.09 -13.00
N SER E 30 19.93 11.94 -14.09
CA SER E 30 19.80 10.80 -14.99
C SER E 30 18.34 10.48 -15.24
N SER E 31 17.95 9.21 -15.09
CA SER E 31 16.58 8.78 -15.35
C SER E 31 15.70 8.80 -14.11
N TYR E 32 16.24 9.17 -12.95
CA TYR E 32 15.46 9.16 -11.73
C TYR E 32 14.47 10.32 -11.74
N LEU E 33 13.46 10.20 -12.59
CA LEU E 33 12.46 11.23 -12.84
C LEU E 33 11.12 10.55 -13.01
N ALA E 34 10.10 11.08 -12.33
CA ALA E 34 8.75 10.51 -12.40
C ALA E 34 7.75 11.59 -12.78
N TRP E 35 6.67 11.16 -13.43
CA TRP E 35 5.57 12.03 -13.80
C TRP E 35 4.30 11.54 -13.12
N TYR E 36 3.60 12.45 -12.43
CA TYR E 36 2.31 12.14 -11.81
C TYR E 36 1.22 12.98 -12.45
N GLN E 37 0.03 12.40 -12.54
CA GLN E 37 -1.16 13.08 -13.01
C GLN E 37 -2.09 13.29 -11.82
N GLN E 38 -2.57 14.52 -11.65
CA GLN E 38 -3.49 14.84 -10.57
C GLN E 38 -4.78 15.39 -11.17
N ARG E 39 -5.78 14.54 -11.31
CA ARG E 39 -7.13 15.03 -11.55
C ARG E 39 -7.62 15.78 -10.31
N PRO E 40 -8.46 16.79 -10.48
CA PRO E 40 -8.92 17.55 -9.33
C PRO E 40 -9.74 16.68 -8.38
N GLY E 41 -9.54 16.89 -7.09
CA GLY E 41 -10.18 16.10 -6.05
C GLY E 41 -9.40 14.86 -5.67
N LYS E 42 -8.82 14.19 -6.66
CA LYS E 42 -8.00 13.01 -6.42
C LYS E 42 -6.60 13.44 -6.00
N ALA E 43 -5.74 12.46 -5.74
CA ALA E 43 -4.36 12.67 -5.35
C ALA E 43 -3.45 12.42 -6.54
N PRO E 44 -2.18 12.84 -6.46
CA PRO E 44 -1.25 12.57 -7.56
C PRO E 44 -1.21 11.09 -7.90
N ARG E 45 -1.19 10.79 -9.19
CA ARG E 45 -1.21 9.42 -9.68
C ARG E 45 0.01 9.22 -10.58
N PRO E 46 0.88 8.25 -10.30
CA PRO E 46 2.09 8.09 -11.12
C PRO E 46 1.74 7.63 -12.53
N LEU E 47 2.26 8.37 -13.52
CA LEU E 47 2.20 7.98 -14.91
C LEU E 47 3.49 7.34 -15.38
N ILE E 48 4.62 8.01 -15.14
CA ILE E 48 5.92 7.62 -15.67
C ILE E 48 6.92 7.57 -14.52
N ASP E 49 7.78 6.56 -14.53
CA ASP E 49 8.94 6.50 -13.66
C ASP E 49 10.15 6.12 -14.51
N SER E 50 11.33 6.36 -13.96
CA SER E 50 12.58 6.15 -14.69
C SER E 50 12.62 6.99 -15.96
N ALA E 51 11.90 8.12 -15.95
CA ALA E 51 11.90 9.08 -17.04
C ALA E 51 11.08 8.63 -18.23
N SER E 52 11.04 7.34 -18.52
CA SER E 52 10.45 6.86 -19.76
C SER E 52 9.89 5.45 -19.59
N THR E 53 9.09 5.23 -18.55
CA THR E 53 8.49 3.93 -18.31
C THR E 53 7.10 4.12 -17.73
N LEU E 54 6.10 3.53 -18.37
CA LEU E 54 4.72 3.65 -17.94
C LEU E 54 4.45 2.73 -16.75
N GLU E 55 3.73 3.26 -15.76
CA GLU E 55 3.24 2.42 -14.67
C GLU E 55 2.18 1.47 -15.22
N SER E 56 1.74 0.54 -14.36
CA SER E 56 0.73 -0.42 -14.77
C SER E 56 -0.61 0.25 -14.97
N GLY E 57 -1.22 0.04 -16.14
CA GLY E 57 -2.55 0.53 -16.39
C GLY E 57 -2.62 1.97 -16.87
N VAL E 58 -1.50 2.59 -17.20
CA VAL E 58 -1.49 3.94 -17.75
C VAL E 58 -1.64 3.83 -19.27
N PRO E 59 -2.67 4.44 -19.86
CA PRO E 59 -2.91 4.24 -21.30
C PRO E 59 -1.64 4.49 -22.12
N SER E 60 -1.51 3.71 -23.21
CA SER E 60 -0.30 3.74 -24.01
C SER E 60 -0.03 5.11 -24.62
N ARG E 61 -1.06 5.94 -24.79
CA ARG E 61 -0.83 7.25 -25.41
C ARG E 61 0.15 8.09 -24.62
N PHE E 62 0.31 7.84 -23.32
CA PHE E 62 1.32 8.52 -22.53
C PHE E 62 2.70 7.95 -22.82
N SER E 63 3.71 8.82 -22.77
CA SER E 63 5.09 8.40 -22.93
C SER E 63 6.00 9.50 -22.43
N GLY E 64 7.16 9.10 -21.91
CA GLY E 64 8.13 10.03 -21.40
C GLY E 64 9.51 9.74 -21.97
N SER E 65 10.39 10.74 -21.83
CA SER E 65 11.76 10.59 -22.31
C SER E 65 12.61 11.73 -21.76
N GLY E 66 13.91 11.51 -21.77
CA GLY E 66 14.86 12.50 -21.28
C GLY E 66 15.82 11.95 -20.25
N SER E 67 16.98 12.58 -20.11
CA SER E 67 17.96 12.18 -19.11
C SER E 67 18.81 13.38 -18.74
N GLY E 68 19.13 13.49 -17.45
CA GLY E 68 19.97 14.57 -16.97
C GLY E 68 19.19 15.77 -16.49
N THR E 69 19.06 16.77 -17.34
CA THR E 69 18.39 18.02 -16.99
C THR E 69 16.97 18.11 -17.54
N GLU E 70 16.78 17.82 -18.81
CA GLU E 70 15.54 18.10 -19.52
C GLU E 70 14.78 16.80 -19.80
N PHE E 71 13.49 16.79 -19.47
CA PHE E 71 12.63 15.64 -19.68
C PHE E 71 11.31 16.11 -20.27
N THR E 72 10.59 15.17 -20.90
CA THR E 72 9.32 15.49 -21.54
C THR E 72 8.31 14.39 -21.29
N LEU E 73 7.08 14.80 -20.96
CA LEU E 73 5.91 13.95 -20.98
C LEU E 73 5.10 14.26 -22.23
N THR E 74 4.60 13.22 -22.90
CA THR E 74 3.96 13.36 -24.20
C THR E 74 2.74 12.46 -24.29
N ILE E 75 1.55 13.07 -24.29
CA ILE E 75 0.33 12.35 -24.59
C ILE E 75 0.13 12.35 -26.10
N SER E 76 -0.38 11.25 -26.65
CA SER E 76 -0.56 11.12 -28.09
C SER E 76 -1.95 11.60 -28.51
N SER E 77 -2.95 10.75 -28.33
CA SER E 77 -4.33 11.08 -28.65
C SER E 77 -5.01 11.58 -27.38
N LEU E 78 -4.90 12.89 -27.13
CA LEU E 78 -5.52 13.48 -25.96
C LEU E 78 -6.98 13.05 -25.87
N GLN E 79 -7.41 12.70 -24.67
CA GLN E 79 -8.77 12.31 -24.35
C GLN E 79 -9.35 13.28 -23.34
N PRO E 80 -10.67 13.39 -23.23
CA PRO E 80 -11.25 14.39 -22.32
C PRO E 80 -10.89 14.18 -20.87
N GLU E 81 -10.52 12.96 -20.48
CA GLU E 81 -10.17 12.66 -19.10
C GLU E 81 -8.73 13.03 -18.75
N ASP E 82 -7.91 13.41 -19.73
CA ASP E 82 -6.54 13.82 -19.46
C ASP E 82 -6.45 15.22 -18.88
N PHE E 83 -7.58 15.89 -18.66
CA PHE E 83 -7.57 17.18 -17.97
C PHE E 83 -7.05 17.01 -16.56
N ALA E 84 -5.94 17.66 -16.24
CA ALA E 84 -5.30 17.49 -14.94
C ALA E 84 -4.07 18.38 -14.88
N ILE E 85 -3.49 18.45 -13.68
CA ILE E 85 -2.17 19.06 -13.45
C ILE E 85 -1.15 17.94 -13.48
N TYR E 86 -0.05 18.15 -14.20
CA TYR E 86 0.97 17.14 -14.40
C TYR E 86 2.25 17.60 -13.72
N TYR E 87 2.71 16.83 -12.74
CA TYR E 87 3.91 17.13 -11.97
C TYR E 87 5.05 16.22 -12.37
N CYS E 88 6.25 16.77 -12.40
CA CYS E 88 7.47 15.98 -12.49
C CYS E 88 8.15 15.99 -11.12
N GLN E 89 8.81 14.89 -10.79
CA GLN E 89 9.44 14.72 -9.50
C GLN E 89 10.77 14.01 -9.66
N GLN E 90 11.81 14.54 -9.01
CA GLN E 90 13.11 13.91 -8.99
C GLN E 90 13.24 13.07 -7.73
N TYR E 91 13.59 11.79 -7.90
CA TYR E 91 13.96 10.92 -6.79
C TYR E 91 15.42 10.50 -6.91
N TYR E 92 16.24 11.36 -7.50
CA TYR E 92 17.68 11.12 -7.58
C TYR E 92 18.35 11.41 -6.25
N SER E 93 17.89 12.46 -5.56
CA SER E 93 18.51 12.91 -4.31
C SER E 93 17.41 13.31 -3.35
N ASP E 94 17.76 13.33 -2.07
CA ASP E 94 16.87 13.90 -1.07
C ASP E 94 17.37 15.29 -0.67
N PRO E 95 16.46 16.21 -0.33
CA PRO E 95 15.00 16.08 -0.24
C PRO E 95 14.35 15.91 -1.61
N PHE E 96 13.35 15.03 -1.72
CA PHE E 96 12.70 14.80 -3.00
C PHE E 96 11.86 16.02 -3.37
N THR E 97 12.02 16.49 -4.61
CA THR E 97 11.46 17.75 -5.05
C THR E 97 10.54 17.53 -6.25
N PHE E 98 9.42 18.25 -6.26
CA PHE E 98 8.49 18.25 -7.37
C PHE E 98 8.64 19.52 -8.20
N GLY E 99 8.05 19.51 -9.38
CA GLY E 99 7.86 20.72 -10.14
C GLY E 99 6.66 21.49 -9.65
N PRO E 100 6.46 22.69 -10.22
CA PRO E 100 5.28 23.49 -9.84
C PRO E 100 3.98 22.97 -10.44
N GLY E 101 4.05 22.13 -11.45
CA GLY E 101 2.87 21.60 -12.10
C GLY E 101 2.57 22.30 -13.41
N THR E 102 2.00 21.54 -14.35
CA THR E 102 1.54 22.07 -15.63
C THR E 102 0.07 21.71 -15.77
N GLU E 103 -0.80 22.71 -15.76
CA GLU E 103 -2.23 22.49 -15.89
C GLU E 103 -2.57 22.31 -17.36
N LEU E 104 -2.92 21.08 -17.74
CA LEU E 104 -3.41 20.78 -19.08
C LEU E 104 -4.93 20.96 -19.09
N GLU E 105 -5.41 21.98 -19.78
CA GLU E 105 -6.83 22.26 -19.85
C GLU E 105 -7.40 21.56 -21.09
N ILE E 106 -8.56 22.02 -21.57
CA ILE E 106 -9.24 21.40 -22.69
C ILE E 106 -9.82 22.49 -23.58
N TYR E 107 -10.14 22.12 -24.81
CA TYR E 107 -10.82 23.00 -25.75
C TYR E 107 -12.13 22.34 -26.16
N ARG E 108 -13.24 22.97 -25.78
CA ARG E 108 -14.59 22.46 -26.01
C ARG E 108 -15.15 23.07 -27.30
N THR E 109 -15.93 22.29 -28.04
CA THR E 109 -16.40 22.76 -29.34
C THR E 109 -17.32 23.95 -29.12
N VAL E 110 -18.48 23.75 -28.50
CA VAL E 110 -19.44 24.83 -28.23
C VAL E 110 -20.36 24.35 -27.11
N ALA E 111 -20.68 25.25 -26.18
CA ALA E 111 -21.46 24.89 -25.01
C ALA E 111 -22.46 25.99 -24.69
N ALA E 112 -23.62 25.59 -24.17
CA ALA E 112 -24.71 26.51 -23.85
C ALA E 112 -25.13 26.28 -22.40
N PRO E 113 -25.15 27.33 -21.57
CA PRO E 113 -25.50 27.13 -20.15
C PRO E 113 -26.98 26.89 -19.93
N SER E 114 -27.34 25.68 -19.51
CA SER E 114 -28.73 25.37 -19.13
C SER E 114 -28.97 25.96 -17.75
N VAL E 115 -29.61 27.12 -17.71
CA VAL E 115 -29.78 27.88 -16.47
C VAL E 115 -30.97 27.32 -15.69
N PHE E 116 -30.82 27.26 -14.37
CA PHE E 116 -31.89 26.92 -13.45
C PHE E 116 -31.89 27.92 -12.31
N ILE E 117 -33.08 28.30 -11.85
CA ILE E 117 -33.25 29.18 -10.70
C ILE E 117 -33.75 28.32 -9.54
N PHE E 118 -33.21 28.56 -8.35
CA PHE E 118 -33.62 27.86 -7.14
C PHE E 118 -33.99 28.89 -6.07
N PRO E 119 -35.26 29.04 -5.73
CA PRO E 119 -35.62 29.95 -4.64
C PRO E 119 -35.09 29.42 -3.31
N PRO E 120 -35.16 30.20 -2.25
CA PRO E 120 -34.67 29.73 -0.95
C PRO E 120 -35.66 28.74 -0.33
N SER E 121 -35.20 28.12 0.75
CA SER E 121 -36.00 27.15 1.48
C SER E 121 -36.73 27.86 2.62
N ASP E 122 -37.99 27.48 2.84
CA ASP E 122 -38.74 27.99 3.97
C ASP E 122 -38.06 27.63 5.30
N GLU E 123 -37.25 26.58 5.30
CA GLU E 123 -36.48 26.23 6.49
C GLU E 123 -35.39 27.27 6.76
N GLN E 124 -34.62 27.62 5.72
CA GLN E 124 -33.60 28.65 5.87
C GLN E 124 -34.21 29.97 6.32
N LEU E 125 -35.44 30.26 5.89
CA LEU E 125 -36.12 31.48 6.32
C LEU E 125 -36.65 31.37 7.74
N LYS E 126 -37.09 30.18 8.16
CA LYS E 126 -37.42 29.97 9.56
C LYS E 126 -36.21 30.27 10.45
N SER E 127 -35.00 30.07 9.92
CA SER E 127 -33.79 30.44 10.64
C SER E 127 -33.44 31.91 10.47
N GLY E 128 -33.93 32.55 9.40
CA GLY E 128 -33.81 33.99 9.26
C GLY E 128 -32.85 34.47 8.20
N THR E 129 -32.62 33.65 7.16
CA THR E 129 -31.75 34.03 6.05
C THR E 129 -32.34 33.50 4.76
N ALA E 130 -32.01 34.17 3.66
CA ALA E 130 -32.44 33.76 2.33
C ALA E 130 -31.22 33.55 1.44
N SER E 131 -31.32 32.58 0.55
CA SER E 131 -30.21 32.23 -0.35
C SER E 131 -30.79 31.69 -1.65
N VAL E 132 -30.95 32.58 -2.63
CA VAL E 132 -31.39 32.18 -3.97
C VAL E 132 -30.16 31.77 -4.76
N VAL E 133 -30.35 30.79 -5.65
CA VAL E 133 -29.24 30.17 -6.38
C VAL E 133 -29.56 30.19 -7.87
N CYS E 134 -28.54 30.51 -8.67
CA CYS E 134 -28.63 30.48 -10.14
C CYS E 134 -27.56 29.53 -10.65
N LEU E 135 -28.00 28.45 -11.30
CA LEU E 135 -27.12 27.38 -11.73
C LEU E 135 -27.08 27.32 -13.26
N LEU E 136 -25.88 27.43 -13.82
CA LEU E 136 -25.62 27.22 -15.24
C LEU E 136 -25.01 25.83 -15.36
N ASN E 137 -25.82 24.84 -15.75
CA ASN E 137 -25.46 23.45 -15.49
C ASN E 137 -24.31 22.95 -16.38
N ASN E 138 -24.16 23.49 -17.58
CA ASN E 138 -23.09 23.02 -18.48
C ASN E 138 -22.80 24.10 -19.50
N PHE E 139 -21.61 24.70 -19.43
CA PHE E 139 -21.22 25.75 -20.35
C PHE E 139 -19.75 25.67 -20.69
N TYR E 140 -19.32 26.53 -21.61
CA TYR E 140 -17.93 26.71 -22.03
C TYR E 140 -17.92 27.86 -23.04
N PRO E 141 -16.99 28.82 -22.94
CA PRO E 141 -15.84 28.88 -22.03
C PRO E 141 -16.20 29.24 -20.61
N ARG E 142 -15.22 29.21 -19.71
CA ARG E 142 -15.47 29.53 -18.30
C ARG E 142 -16.22 30.85 -18.16
N GLU E 143 -15.73 31.89 -18.81
CA GLU E 143 -16.27 33.23 -18.59
C GLU E 143 -17.75 33.28 -18.94
N ALA E 144 -18.51 33.96 -18.10
CA ALA E 144 -19.94 34.16 -18.32
C ALA E 144 -20.45 35.15 -17.29
N LYS E 145 -21.40 35.98 -17.70
CA LYS E 145 -21.93 37.06 -16.88
C LYS E 145 -23.20 36.60 -16.17
N VAL E 146 -23.26 36.83 -14.86
CA VAL E 146 -24.47 36.59 -14.08
C VAL E 146 -24.89 37.91 -13.46
N GLN E 147 -26.15 38.28 -13.66
CA GLN E 147 -26.71 39.51 -13.12
C GLN E 147 -27.84 39.13 -12.16
N TRP E 148 -27.73 39.57 -10.90
CA TRP E 148 -28.74 39.33 -9.89
C TRP E 148 -29.56 40.60 -9.71
N LYS E 149 -30.75 40.62 -10.30
CA LYS E 149 -31.66 41.74 -10.14
C LYS E 149 -33.00 41.26 -9.58
N VAL E 150 -33.59 42.10 -8.75
CA VAL E 150 -34.81 41.79 -8.01
C VAL E 150 -35.82 42.87 -8.34
N ASP E 151 -36.88 42.50 -9.06
CA ASP E 151 -37.86 43.47 -9.55
C ASP E 151 -37.18 44.52 -10.43
N ASN E 152 -36.24 44.06 -11.27
CA ASN E 152 -35.44 44.91 -12.15
C ASN E 152 -34.41 45.72 -11.38
N ALA E 153 -34.48 45.71 -10.06
CA ALA E 153 -33.52 46.43 -9.23
C ALA E 153 -32.28 45.56 -9.08
N LEU E 154 -31.22 45.92 -9.80
CA LEU E 154 -30.01 45.11 -9.82
C LEU E 154 -29.34 45.15 -8.46
N GLN E 155 -29.42 44.02 -7.73
CA GLN E 155 -28.73 43.86 -6.45
C GLN E 155 -27.36 43.25 -6.73
N SER E 156 -26.45 44.09 -7.20
CA SER E 156 -25.10 43.64 -7.55
C SER E 156 -24.09 44.07 -6.50
N GLY E 157 -24.29 43.64 -5.25
CA GLY E 157 -23.35 43.95 -4.19
C GLY E 157 -23.38 42.91 -3.08
N ASN E 158 -24.01 41.76 -3.35
CA ASN E 158 -24.18 40.73 -2.33
C ASN E 158 -24.37 39.36 -2.96
N SER E 159 -23.40 38.96 -3.80
CA SER E 159 -23.46 37.68 -4.49
C SER E 159 -22.11 36.99 -4.40
N GLN E 160 -22.13 35.67 -4.55
CA GLN E 160 -20.92 34.85 -4.64
C GLN E 160 -21.11 33.83 -5.74
N GLU E 161 -20.04 33.55 -6.47
CA GLU E 161 -20.06 32.59 -7.57
C GLU E 161 -19.09 31.46 -7.29
N SER E 162 -19.32 30.33 -7.97
CA SER E 162 -18.52 29.14 -7.76
C SER E 162 -18.54 28.32 -9.04
N VAL E 163 -17.36 27.86 -9.46
CA VAL E 163 -17.21 27.15 -10.73
C VAL E 163 -16.63 25.77 -10.45
N THR E 164 -16.98 24.82 -11.33
CA THR E 164 -16.41 23.48 -11.28
C THR E 164 -15.15 23.41 -12.11
N GLU E 165 -14.80 22.22 -12.60
CA GLU E 165 -13.67 22.01 -13.48
C GLU E 165 -14.17 21.39 -14.78
N GLN E 166 -13.30 21.35 -15.78
CA GLN E 166 -13.63 20.71 -17.05
C GLN E 166 -14.13 19.31 -16.78
N ASP E 167 -15.41 19.07 -17.04
CA ASP E 167 -16.03 17.79 -16.70
C ASP E 167 -15.17 16.63 -17.20
N SER E 168 -15.10 15.58 -16.38
CA SER E 168 -14.22 14.46 -16.68
C SER E 168 -14.38 13.97 -18.12
N LYS E 169 -15.62 13.97 -18.63
CA LYS E 169 -15.93 13.31 -19.89
C LYS E 169 -16.34 14.27 -21.00
N ASP E 170 -17.28 15.18 -20.74
CA ASP E 170 -17.72 16.10 -21.77
C ASP E 170 -16.91 17.39 -21.82
N SER E 171 -16.15 17.69 -20.77
CA SER E 171 -15.23 18.82 -20.74
C SER E 171 -15.94 20.16 -20.59
N THR E 172 -17.17 20.16 -20.08
CA THR E 172 -17.94 21.39 -19.92
C THR E 172 -17.61 22.02 -18.56
N TYR E 173 -18.50 22.87 -18.05
CA TYR E 173 -18.28 23.57 -16.79
C TYR E 173 -19.59 23.59 -16.02
N SER E 174 -19.68 24.48 -15.03
CA SER E 174 -20.90 24.68 -14.25
C SER E 174 -20.66 25.78 -13.22
N LEU E 175 -21.63 26.67 -13.03
CA LEU E 175 -21.48 27.78 -12.11
C LEU E 175 -22.72 27.89 -11.23
N SER E 176 -22.51 28.33 -9.98
CA SER E 176 -23.59 28.55 -9.03
C SER E 176 -23.41 29.91 -8.40
N SER E 177 -24.24 30.87 -8.81
CA SER E 177 -24.26 32.20 -8.21
C SER E 177 -25.30 32.23 -7.10
N THR E 178 -24.88 32.63 -5.90
CA THR E 178 -25.73 32.61 -4.72
C THR E 178 -25.90 34.03 -4.19
N LEU E 179 -27.13 34.52 -4.22
CA LEU E 179 -27.48 35.83 -3.69
C LEU E 179 -28.14 35.66 -2.33
N THR E 180 -27.69 36.42 -1.33
CA THR E 180 -28.09 36.19 0.04
C THR E 180 -28.29 37.52 0.76
N LEU E 181 -29.52 37.74 1.25
CA LEU E 181 -29.78 38.78 2.24
C LEU E 181 -30.91 38.30 3.13
N SER E 182 -31.09 39.01 4.25
CA SER E 182 -31.91 38.50 5.35
C SER E 182 -33.37 38.36 4.93
N LYS E 183 -34.10 37.57 5.74
CA LYS E 183 -35.54 37.41 5.54
C LYS E 183 -36.24 38.75 5.42
N ALA E 184 -35.97 39.67 6.35
CA ALA E 184 -36.57 40.99 6.30
C ALA E 184 -36.40 41.63 4.92
N ASP E 185 -35.15 41.67 4.43
CA ASP E 185 -34.89 42.21 3.11
C ASP E 185 -35.43 41.32 2.00
N TYR E 186 -35.63 40.02 2.28
CA TYR E 186 -36.10 39.10 1.25
C TYR E 186 -37.58 39.33 0.94
N GLU E 187 -38.38 39.60 1.97
CA GLU E 187 -39.83 39.74 1.80
C GLU E 187 -40.24 41.19 1.59
N LYS E 188 -39.56 41.86 0.65
CA LYS E 188 -39.97 43.17 0.17
C LYS E 188 -40.15 43.20 -1.34
N HIS E 189 -39.92 42.08 -2.02
CA HIS E 189 -39.88 42.04 -3.48
C HIS E 189 -40.60 40.80 -3.98
N LYS E 190 -41.37 40.98 -5.06
CA LYS E 190 -42.20 39.91 -5.60
C LYS E 190 -41.35 38.90 -6.37
N VAL E 191 -40.80 39.32 -7.50
CA VAL E 191 -40.11 38.42 -8.42
C VAL E 191 -38.60 38.54 -8.24
N TYR E 192 -37.91 37.42 -8.41
CA TYR E 192 -36.45 37.34 -8.38
C TYR E 192 -36.00 36.70 -9.68
N ALA E 193 -34.99 37.28 -10.32
CA ALA E 193 -34.56 36.83 -11.63
C ALA E 193 -33.04 36.85 -11.73
N CYS E 194 -32.51 35.93 -12.54
CA CYS E 194 -31.08 35.80 -12.79
C CYS E 194 -30.82 35.93 -14.28
N GLU E 195 -30.11 36.99 -14.66
CA GLU E 195 -29.80 37.26 -16.06
C GLU E 195 -28.41 36.71 -16.38
N VAL E 196 -28.26 36.14 -17.57
CA VAL E 196 -27.02 35.46 -17.96
C VAL E 196 -26.62 35.91 -19.36
N THR E 197 -25.31 35.85 -19.62
CA THR E 197 -24.76 36.23 -20.92
C THR E 197 -23.60 35.30 -21.22
N HIS E 198 -23.66 34.59 -22.35
CA HIS E 198 -22.65 33.60 -22.69
C HIS E 198 -22.78 33.24 -24.17
N GLN E 199 -21.67 32.82 -24.75
CA GLN E 199 -21.70 32.31 -26.12
C GLN E 199 -22.65 31.13 -26.21
N GLY E 200 -23.12 30.86 -27.43
CA GLY E 200 -24.13 29.84 -27.63
C GLY E 200 -25.51 30.24 -27.17
N LEU E 201 -25.67 31.46 -26.66
CA LEU E 201 -26.96 32.02 -26.26
C LEU E 201 -27.28 33.13 -27.25
N SER E 202 -28.04 32.78 -28.31
CA SER E 202 -28.46 33.77 -29.29
C SER E 202 -28.79 35.10 -28.63
N SER E 203 -29.61 35.05 -27.57
CA SER E 203 -29.95 36.22 -26.78
C SER E 203 -29.74 35.90 -25.29
N PRO E 204 -29.29 36.87 -24.50
CA PRO E 204 -29.14 36.63 -23.05
C PRO E 204 -30.50 36.58 -22.37
N VAL E 205 -30.97 35.38 -22.04
CA VAL E 205 -32.32 35.18 -21.53
C VAL E 205 -32.25 34.89 -20.02
N THR E 206 -33.21 35.44 -19.29
CA THR E 206 -33.26 35.40 -17.84
C THR E 206 -34.13 34.25 -17.36
N LYS E 207 -33.90 33.85 -16.11
CA LYS E 207 -34.75 32.89 -15.41
C LYS E 207 -35.31 33.56 -14.16
N SER E 208 -36.62 33.41 -13.95
CA SER E 208 -37.32 34.16 -12.92
C SER E 208 -38.16 33.22 -12.06
N PHE E 209 -38.55 33.71 -10.89
CA PHE E 209 -39.53 33.04 -10.04
C PHE E 209 -40.24 34.09 -9.21
N ASN E 210 -41.55 33.90 -9.05
CA ASN E 210 -42.40 34.83 -8.30
C ASN E 210 -42.49 34.33 -6.86
N ARG E 211 -41.89 35.07 -5.93
CA ARG E 211 -41.97 34.70 -4.52
C ARG E 211 -43.42 34.57 -4.10
N GLY E 212 -43.88 33.34 -3.87
CA GLY E 212 -45.26 33.07 -3.55
C GLY E 212 -45.92 32.19 -4.59
N GLU E 213 -45.35 31.00 -4.80
CA GLU E 213 -45.91 30.02 -5.73
C GLU E 213 -45.82 28.66 -5.05
N CYS E 214 -46.97 28.07 -4.75
CA CYS E 214 -47.04 26.83 -3.99
C CYS E 214 -47.49 25.66 -4.85
N LEU F 8 23.55 18.61 2.80
CA LEU F 8 22.89 18.23 1.57
C LEU F 8 21.97 17.02 1.77
N GLN F 9 22.48 15.84 1.43
CA GLN F 9 21.67 14.63 1.48
C GLN F 9 21.53 14.12 2.91
N LYS F 10 20.67 13.12 3.08
CA LYS F 10 20.51 12.43 4.34
C LYS F 10 20.38 10.93 4.10
N LEU F 11 19.72 10.54 3.02
CA LEU F 11 19.62 9.14 2.63
C LEU F 11 20.81 8.75 1.75
N ASN F 12 21.37 7.59 2.05
CA ASN F 12 22.45 7.00 1.27
C ASN F 12 21.91 5.87 0.39
N SER F 13 22.78 5.38 -0.49
CA SER F 13 22.53 4.08 -1.10
C SER F 13 22.68 2.97 -0.06
N TRP F 14 23.63 3.14 0.86
CA TRP F 14 23.84 2.18 1.95
C TRP F 14 22.65 2.15 2.89
N ASP F 15 21.98 3.30 3.09
CA ASP F 15 20.78 3.32 3.91
C ASP F 15 19.67 2.48 3.27
N VAL F 16 19.54 2.56 1.95
CA VAL F 16 18.57 1.72 1.24
C VAL F 16 18.99 0.27 1.32
N PHE F 17 20.27 -0.01 1.08
CA PHE F 17 20.78 -1.38 1.21
C PHE F 17 20.44 -1.95 2.58
N GLY F 18 20.49 -1.11 3.63
CA GLY F 18 20.14 -1.55 4.96
C GLY F 18 18.66 -1.76 5.17
N ASN F 19 17.82 -1.23 4.28
CA ASN F 19 16.39 -1.41 4.39
C ASN F 19 15.91 -2.74 3.83
N TRP F 20 16.84 -3.61 3.42
CA TRP F 20 16.49 -4.97 3.01
C TRP F 20 16.38 -5.93 4.19
N PHE F 21 16.86 -5.53 5.36
CA PHE F 21 16.84 -6.36 6.55
C PHE F 21 16.53 -5.47 7.75
N ASP F 22 16.42 -6.09 8.93
CA ASP F 22 16.15 -5.34 10.16
C ASP F 22 17.47 -4.74 10.65
N LEU F 23 17.71 -3.50 10.24
CA LEU F 23 18.93 -2.79 10.64
C LEU F 23 18.92 -2.48 12.13
N ALA F 24 17.74 -2.33 12.73
CA ALA F 24 17.67 -2.06 14.17
C ALA F 24 18.26 -3.21 14.98
N SER F 25 17.91 -4.45 14.62
CA SER F 25 18.46 -5.62 15.29
C SER F 25 19.86 -5.96 14.79
N TRP F 26 20.26 -5.42 13.64
CA TRP F 26 21.64 -5.59 13.18
C TRP F 26 22.60 -4.82 14.07
N ILE F 27 22.33 -3.52 14.28
CA ILE F 27 23.16 -2.71 15.15
C ILE F 27 23.20 -3.32 16.55
N LYS F 28 22.04 -3.76 17.05
CA LYS F 28 21.98 -4.40 18.36
C LYS F 28 22.97 -5.55 18.45
N TYR F 29 22.82 -6.52 17.55
CA TYR F 29 23.72 -7.68 17.50
C TYR F 29 25.19 -7.25 17.50
N ILE F 30 25.52 -6.19 16.77
CA ILE F 30 26.92 -5.83 16.58
C ILE F 30 27.47 -5.13 17.81
N GLN F 31 26.84 -4.01 18.21
CA GLN F 31 27.31 -3.29 19.38
C GLN F 31 27.27 -4.17 20.63
N ARG F 32 26.30 -5.09 20.71
CA ARG F 32 26.17 -6.00 21.84
C ARG F 32 27.21 -7.12 21.73
N ARG F 33 28.49 -6.72 21.81
CA ARG F 33 29.60 -7.68 21.68
C ARG F 33 29.92 -8.31 23.04
#